data_9BB9
#
_entry.id   9BB9
#
_cell.length_a   50.033
_cell.length_b   56.338
_cell.length_c   97.200
_cell.angle_alpha   77.43
_cell.angle_beta   76.36
_cell.angle_gamma   63.91
#
_symmetry.space_group_name_H-M   'P 1'
#
loop_
_entity.id
_entity.type
_entity.pdbx_description
1 polymer 'S1_8A sulfatase'
2 non-polymer GLYCEROL
3 non-polymer 1,2-ETHANEDIOL
4 non-polymer 'CALCIUM ION'
5 water water
#
_entity_poly.entity_id   1
_entity_poly.type   'polypeptide(L)'
_entity_poly.pdbx_seq_one_letter_code
;MGSSHHHHHHSSGLVPRGSHMASQSASDSDSNKPNIIWLVLEDISLDLSVYGTPEVKTPNLDRLANEGIRYNHAYATAAV
CSTARSAFFTGMHATSIGAQNHRSHLDDGYYLPKNIKMTSQFMREAGYVNLLMGPKQKTDFNFSTTINAFDAQDGEVKYS
GGAYTHAPTDLKLLERPAWQTYIKKYSGQPFFAQINYSETHRTFIADKKNPIDPSKVKIPSYYPDHDITRRDWALYLETI
QTVDQKVGNLFSELEKAGVLENTIVFIFGDHGRAMLRDKQWLYDGGLRVPLIVWGKGIESNQVNNELVSLIDVMPTTLDL
VGLKVPDYVEGHIFLGKNKQKRDYIYAHKDRTDETDDRVRAVRNLRFKYIKNFYPEKPYNDFNAYKHLQYPVLALMESMH
AKKLLTHEQALFFAPNRPQEELYDTFNDPDEVNNLALNKNYEEQLLTMRKELQRWQKATNDQGMIDETPEVKEYWDDFFK
KHYLTQMRLRGLSPKITPDDYLIFWDKFLTEQGK
;
_entity_poly.pdbx_strand_id   A,B
#
# COMPACT_ATOMS: atom_id res chain seq x y z
N LYS A 33 54.10 -13.54 -4.58
CA LYS A 33 52.70 -13.37 -4.94
C LYS A 33 52.09 -12.25 -4.11
N PRO A 34 51.54 -11.24 -4.76
CA PRO A 34 51.06 -10.07 -4.00
C PRO A 34 49.71 -10.34 -3.37
N ASN A 35 49.50 -9.79 -2.18
CA ASN A 35 48.14 -9.78 -1.65
C ASN A 35 47.26 -8.94 -2.56
N ILE A 36 45.96 -9.25 -2.58
CA ILE A 36 44.99 -8.55 -3.43
C ILE A 36 43.86 -8.10 -2.52
N ILE A 37 43.52 -6.81 -2.59
CA ILE A 37 42.35 -6.28 -1.91
C ILE A 37 41.38 -5.74 -2.95
N TRP A 38 40.09 -6.13 -2.84
CA TRP A 38 39.02 -5.45 -3.54
C TRP A 38 38.28 -4.63 -2.50
N LEU A 39 38.43 -3.31 -2.56
CA LEU A 39 37.81 -2.40 -1.61
C LEU A 39 36.54 -1.89 -2.28
N VAL A 40 35.39 -2.39 -1.84
CA VAL A 40 34.14 -2.16 -2.56
C VAL A 40 33.30 -1.16 -1.81
N LEU A 41 33.02 -0.02 -2.47
CA LEU A 41 32.12 1.00 -1.97
C LEU A 41 30.72 0.74 -2.52
N GLU A 42 29.68 1.07 -1.72
CA GLU A 42 28.30 0.96 -2.20
C GLU A 42 27.85 2.21 -2.95
N ASP A 43 27.08 2.00 -4.01
CA ASP A 43 26.14 3.04 -4.49
C ASP A 43 26.82 4.39 -4.66
N ILE A 44 27.82 4.45 -5.53
CA ILE A 44 28.58 5.68 -5.67
C ILE A 44 28.95 5.89 -7.13
N SER A 45 28.74 7.11 -7.61
CA SER A 45 29.06 7.50 -8.97
C SER A 45 30.41 8.20 -8.96
N LEU A 46 30.77 8.90 -10.05
CA LEU A 46 32.10 9.52 -10.10
C LEU A 46 32.09 10.84 -9.32
N ASP A 47 31.73 10.75 -8.05
CA ASP A 47 31.46 11.94 -7.28
C ASP A 47 32.56 12.19 -6.25
N LEU A 48 33.80 11.81 -6.58
CA LEU A 48 34.94 12.14 -5.72
C LEU A 48 35.53 13.46 -6.20
N SER A 49 36.27 14.13 -5.29
CA SER A 49 36.90 15.38 -5.69
C SER A 49 37.84 15.17 -6.88
N VAL A 50 38.58 14.05 -6.91
CA VAL A 50 39.58 13.83 -7.95
C VAL A 50 38.93 13.62 -9.32
N TYR A 51 37.65 13.23 -9.34
CA TYR A 51 36.93 13.15 -10.60
C TYR A 51 36.28 14.49 -10.98
N GLY A 52 36.57 15.56 -10.24
CA GLY A 52 36.10 16.88 -10.60
C GLY A 52 34.80 17.31 -9.92
N THR A 53 34.41 16.65 -8.84
CA THR A 53 33.15 16.97 -8.19
C THR A 53 33.37 18.15 -7.25
N PRO A 54 32.61 19.24 -7.39
CA PRO A 54 32.80 20.38 -6.48
C PRO A 54 32.37 20.05 -5.05
N GLU A 55 32.95 20.80 -4.13
CA GLU A 55 32.64 20.87 -2.69
C GLU A 55 32.98 19.65 -1.86
N VAL A 56 32.93 18.44 -2.42
CA VAL A 56 33.10 17.27 -1.56
C VAL A 56 34.57 17.16 -1.21
N LYS A 57 34.90 16.65 -0.02
CA LYS A 57 36.30 16.51 0.41
C LYS A 57 36.62 15.02 0.51
N THR A 58 37.44 14.53 -0.42
CA THR A 58 37.83 13.10 -0.47
C THR A 58 39.35 12.97 -0.56
N PRO A 59 40.08 13.47 0.46
CA PRO A 59 41.56 13.49 0.35
C PRO A 59 42.17 12.10 0.23
N ASN A 60 41.58 11.12 0.90
CA ASN A 60 42.23 9.81 0.93
C ASN A 60 42.00 9.06 -0.38
N LEU A 61 40.77 9.07 -0.89
CA LEU A 61 40.55 8.44 -2.19
C LEU A 61 41.25 9.22 -3.30
N ASP A 62 41.27 10.56 -3.21
CA ASP A 62 42.04 11.37 -4.15
C ASP A 62 43.49 10.92 -4.18
N ARG A 63 44.10 10.78 -2.99
CA ARG A 63 45.51 10.41 -2.93
C ARG A 63 45.73 9.02 -3.51
N LEU A 64 44.82 8.08 -3.22
CA LEU A 64 44.92 6.74 -3.79
C LEU A 64 44.89 6.80 -5.32
N ALA A 65 43.95 7.58 -5.87
CA ALA A 65 43.88 7.76 -7.32
C ALA A 65 45.18 8.32 -7.87
N ASN A 66 45.66 9.40 -7.25
CA ASN A 66 46.85 10.08 -7.75
C ASN A 66 48.09 9.21 -7.61
N GLU A 67 48.13 8.36 -6.57
CA GLU A 67 49.25 7.46 -6.34
C GLU A 67 49.21 6.22 -7.20
N GLY A 68 48.16 6.05 -8.00
CA GLY A 68 48.01 4.85 -8.81
C GLY A 68 47.37 5.17 -10.15
N ILE A 69 46.42 4.34 -10.57
CA ILE A 69 45.72 4.52 -11.83
C ILE A 69 44.27 4.85 -11.53
N ARG A 70 43.79 5.97 -12.05
CA ARG A 70 42.39 6.37 -11.97
C ARG A 70 41.69 6.05 -13.28
N TYR A 71 40.58 5.33 -13.20
CA TYR A 71 39.82 4.93 -14.38
C TYR A 71 38.57 5.82 -14.51
N ASN A 72 38.43 6.44 -15.68
CA ASN A 72 37.32 7.33 -15.95
C ASN A 72 36.14 6.64 -16.63
N HIS A 73 36.32 5.40 -17.11
CA HIS A 73 35.28 4.73 -17.87
C HIS A 73 35.06 3.31 -17.37
N ALA A 74 34.90 3.16 -16.05
CA ALA A 74 34.56 1.85 -15.48
C ALA A 74 33.06 1.79 -15.23
N TYR A 75 32.46 0.69 -15.69
CA TYR A 75 31.02 0.46 -15.64
C TYR A 75 30.69 -0.87 -14.97
N ALA A 76 29.73 -0.83 -14.05
CA ALA A 76 29.06 -2.04 -13.59
C ALA A 76 28.25 -2.66 -14.73
N THR A 77 27.90 -3.95 -14.58
CA THR A 77 27.05 -4.63 -15.56
C THR A 77 25.59 -4.58 -15.15
N ALA A 78 25.30 -3.99 -13.99
CA ALA A 78 23.93 -3.81 -13.54
C ALA A 78 23.97 -2.70 -12.50
N ALA A 79 22.81 -2.25 -12.07
CA ALA A 79 22.78 -1.07 -11.22
C ALA A 79 22.13 -1.30 -9.86
N VAL A 80 22.14 -2.54 -9.35
CA VAL A 80 21.79 -2.83 -7.97
C VAL A 80 22.78 -3.87 -7.43
N CYS A 81 22.70 -4.08 -6.10
CA CYS A 81 23.74 -4.80 -5.38
C CYS A 81 23.97 -6.20 -5.97
N SER A 82 22.95 -7.04 -5.97
CA SER A 82 23.21 -8.47 -6.14
C SER A 82 23.63 -8.79 -7.55
N THR A 83 23.09 -8.08 -8.53
CA THR A 83 23.41 -8.41 -9.91
C THR A 83 24.79 -7.88 -10.26
N ALA A 84 25.19 -6.72 -9.70
CA ALA A 84 26.53 -6.23 -9.98
C ALA A 84 27.57 -7.10 -9.29
N ARG A 85 27.27 -7.55 -8.07
CA ARG A 85 28.25 -8.27 -7.27
C ARG A 85 28.32 -9.73 -7.68
N SER A 86 27.18 -10.34 -8.02
CA SER A 86 27.23 -11.70 -8.60
C SER A 86 28.11 -11.70 -9.84
N ALA A 87 28.02 -10.62 -10.63
CA ALA A 87 28.83 -10.48 -11.82
C ALA A 87 30.30 -10.28 -11.48
N PHE A 88 30.65 -9.26 -10.66
CA PHE A 88 32.10 -9.02 -10.57
C PHE A 88 32.81 -10.10 -9.79
N PHE A 89 32.10 -10.89 -8.98
CA PHE A 89 32.78 -11.97 -8.27
C PHE A 89 32.99 -13.19 -9.16
N THR A 90 32.41 -13.19 -10.37
CA THR A 90 32.58 -14.32 -11.30
C THR A 90 33.15 -13.94 -12.65
N GLY A 91 33.31 -12.66 -12.95
CA GLY A 91 33.77 -12.30 -14.28
C GLY A 91 32.75 -12.50 -15.36
N MET A 92 31.46 -12.62 -15.00
CA MET A 92 30.40 -12.95 -15.95
C MET A 92 29.25 -11.97 -15.77
N HIS A 93 28.58 -11.58 -16.84
CA HIS A 93 27.34 -10.83 -16.63
C HIS A 93 26.36 -11.70 -15.83
N ALA A 94 25.57 -11.09 -14.94
CA ALA A 94 24.62 -11.90 -14.18
C ALA A 94 23.67 -12.69 -15.08
N THR A 95 23.25 -12.08 -16.19
CA THR A 95 22.35 -12.72 -17.13
C THR A 95 22.97 -13.99 -17.72
N SER A 96 24.29 -14.08 -17.80
CA SER A 96 24.92 -15.28 -18.35
C SER A 96 24.90 -16.44 -17.39
N ILE A 97 24.71 -16.18 -16.10
CA ILE A 97 24.80 -17.24 -15.10
C ILE A 97 23.50 -17.42 -14.34
N GLY A 98 22.42 -16.77 -14.81
CA GLY A 98 21.12 -16.96 -14.23
C GLY A 98 20.89 -16.17 -12.97
N ALA A 99 21.75 -15.19 -12.70
CA ALA A 99 21.72 -14.42 -11.47
C ALA A 99 21.12 -13.02 -11.71
N GLN A 100 20.37 -12.85 -12.81
CA GLN A 100 19.98 -11.51 -13.27
C GLN A 100 18.85 -10.87 -12.47
N ASN A 101 18.12 -11.61 -11.65
CA ASN A 101 16.96 -11.04 -10.94
C ASN A 101 17.34 -10.74 -9.51
N HIS A 102 17.22 -9.45 -9.13
CA HIS A 102 17.57 -8.94 -7.82
C HIS A 102 16.32 -8.95 -6.93
N ARG A 103 16.25 -9.81 -5.89
CA ARG A 103 17.09 -10.97 -5.59
C ARG A 103 16.44 -12.28 -6.05
N SER A 104 17.21 -13.37 -6.14
CA SER A 104 16.61 -14.60 -6.61
C SER A 104 17.53 -15.77 -6.25
N HIS A 105 16.98 -16.98 -6.37
CA HIS A 105 17.75 -18.22 -6.17
C HIS A 105 18.45 -18.25 -4.83
N LEU A 106 17.83 -17.66 -3.82
CA LEU A 106 18.46 -17.63 -2.51
C LEU A 106 18.47 -19.01 -1.85
N ASP A 107 17.39 -19.79 -2.06
CA ASP A 107 17.19 -21.03 -1.29
C ASP A 107 16.42 -22.07 -2.10
N ASP A 108 16.74 -22.24 -3.38
CA ASP A 108 15.96 -23.14 -4.21
C ASP A 108 16.82 -24.22 -4.87
N GLY A 109 18.02 -24.44 -4.40
CA GLY A 109 18.83 -25.49 -5.00
C GLY A 109 19.49 -25.10 -6.30
N TYR A 110 19.45 -23.81 -6.67
CA TYR A 110 20.14 -23.29 -7.83
C TYR A 110 21.59 -22.96 -7.46
N TYR A 111 22.53 -23.66 -8.08
CA TYR A 111 23.95 -23.45 -7.81
C TYR A 111 24.57 -22.85 -9.05
N LEU A 112 25.65 -22.09 -8.84
CA LEU A 112 26.46 -21.63 -9.94
C LEU A 112 26.76 -22.83 -10.84
N PRO A 113 26.45 -22.76 -12.13
CA PRO A 113 26.92 -23.78 -13.07
C PRO A 113 28.37 -24.18 -12.85
N LYS A 114 28.67 -25.50 -12.90
CA LYS A 114 29.96 -26.00 -12.42
C LYS A 114 31.14 -25.45 -13.21
N ASN A 115 30.94 -25.09 -14.48
CA ASN A 115 32.03 -24.45 -15.23
C ASN A 115 32.40 -23.06 -14.69
N ILE A 116 31.53 -22.40 -13.92
CA ILE A 116 31.72 -21.01 -13.53
C ILE A 116 32.33 -21.00 -12.14
N LYS A 117 33.57 -20.52 -12.01
CA LYS A 117 34.20 -20.50 -10.69
C LYS A 117 34.06 -19.12 -10.05
N MET A 118 33.93 -19.11 -8.73
CA MET A 118 34.06 -17.86 -7.99
C MET A 118 35.51 -17.39 -7.96
N THR A 119 35.69 -16.06 -7.88
CA THR A 119 37.03 -15.50 -7.78
C THR A 119 37.87 -16.24 -6.74
N SER A 120 37.27 -16.53 -5.60
CA SER A 120 38.05 -17.08 -4.49
C SER A 120 38.49 -18.52 -4.76
N GLN A 121 37.77 -19.23 -5.62
CA GLN A 121 38.24 -20.55 -6.03
C GLN A 121 39.53 -20.43 -6.83
N PHE A 122 39.61 -19.46 -7.74
CA PHE A 122 40.88 -19.23 -8.44
C PHE A 122 41.98 -18.84 -7.46
N MET A 123 41.67 -17.92 -6.53
CA MET A 123 42.72 -17.48 -5.61
C MET A 123 43.18 -18.63 -4.72
N ARG A 124 42.26 -19.47 -4.26
CA ARG A 124 42.65 -20.67 -3.52
C ARG A 124 43.62 -21.51 -4.34
N GLU A 125 43.36 -21.67 -5.63
CA GLU A 125 44.26 -22.43 -6.50
C GLU A 125 45.67 -21.83 -6.56
N ALA A 126 45.80 -20.53 -6.41
CA ALA A 126 47.11 -19.89 -6.45
C ALA A 126 47.75 -19.79 -5.08
N GLY A 127 47.14 -20.39 -4.05
CA GLY A 127 47.69 -20.44 -2.72
C GLY A 127 47.22 -19.35 -1.78
N TYR A 128 46.18 -18.59 -2.15
CA TYR A 128 45.64 -17.48 -1.36
C TYR A 128 44.63 -17.96 -0.34
N VAL A 129 44.57 -17.26 0.80
CA VAL A 129 43.47 -17.38 1.74
C VAL A 129 42.53 -16.21 1.50
N ASN A 130 41.22 -16.48 1.53
CA ASN A 130 40.19 -15.52 1.10
C ASN A 130 39.46 -14.96 2.30
N LEU A 131 39.45 -13.64 2.43
CA LEU A 131 38.92 -12.95 3.61
C LEU A 131 37.76 -12.04 3.22
N LEU A 132 36.65 -12.11 3.97
CA LEU A 132 35.51 -11.21 3.80
C LEU A 132 35.55 -10.21 4.94
N MET A 133 35.83 -8.95 4.62
CA MET A 133 36.02 -7.92 5.66
C MET A 133 35.12 -6.72 5.41
N GLY A 134 35.20 -5.74 6.30
CA GLY A 134 34.35 -4.58 6.20
C GLY A 134 33.01 -4.77 6.91
N PRO A 135 32.30 -3.66 7.15
CA PRO A 135 30.99 -3.78 7.83
C PRO A 135 29.94 -4.57 7.06
N LYS A 136 29.92 -4.50 5.73
CA LYS A 136 28.90 -5.19 4.95
C LYS A 136 29.34 -6.62 4.77
N GLN A 137 28.86 -7.51 5.64
CA GLN A 137 29.28 -8.92 5.63
C GLN A 137 28.38 -9.77 4.74
N LYS A 138 28.20 -9.37 3.49
CA LYS A 138 27.25 -10.09 2.64
C LYS A 138 27.88 -10.27 1.26
N THR A 139 27.51 -11.37 0.62
CA THR A 139 27.97 -11.59 -0.74
C THR A 139 26.94 -11.14 -1.76
N ASP A 140 25.66 -11.14 -1.37
CA ASP A 140 24.57 -10.69 -2.25
C ASP A 140 24.54 -11.52 -3.53
N PHE A 141 24.89 -12.80 -3.49
CA PHE A 141 24.77 -13.65 -4.68
C PHE A 141 23.33 -14.05 -4.98
N ASN A 142 22.97 -14.08 -6.27
CA ASN A 142 21.67 -14.65 -6.64
C ASN A 142 21.84 -16.11 -7.06
N PHE A 143 22.42 -16.88 -6.15
CA PHE A 143 22.68 -18.28 -6.34
C PHE A 143 23.26 -18.79 -5.03
N SER A 144 23.19 -20.11 -4.81
CA SER A 144 23.85 -20.74 -3.69
C SER A 144 25.16 -21.33 -4.16
N THR A 145 26.02 -21.69 -3.21
CA THR A 145 27.25 -22.40 -3.55
C THR A 145 27.39 -23.62 -2.65
N THR A 146 28.22 -24.56 -3.07
CA THR A 146 28.51 -25.74 -2.26
C THR A 146 29.92 -25.69 -1.71
N ILE A 147 30.68 -24.66 -2.06
CA ILE A 147 32.00 -24.32 -1.54
C ILE A 147 31.87 -22.93 -0.89
N ASN A 148 32.53 -22.67 0.23
CA ASN A 148 32.41 -21.34 0.84
C ASN A 148 33.03 -20.29 -0.09
N ALA A 149 32.40 -19.11 -0.16
CA ALA A 149 32.97 -18.03 -0.96
C ALA A 149 34.24 -17.48 -0.33
N PHE A 150 34.31 -17.47 1.00
CA PHE A 150 35.49 -17.00 1.70
C PHE A 150 35.94 -18.01 2.75
N ASP A 151 37.22 -17.90 3.14
CA ASP A 151 37.83 -18.78 4.14
C ASP A 151 37.69 -18.25 5.56
N ALA A 152 37.61 -16.94 5.72
CA ALA A 152 37.37 -16.33 7.01
C ALA A 152 36.57 -15.07 6.77
N GLN A 153 35.71 -14.74 7.72
CA GLN A 153 34.86 -13.57 7.63
C GLN A 153 34.71 -12.97 9.02
N ASP A 154 34.20 -11.74 9.11
CA ASP A 154 33.98 -11.14 10.41
C ASP A 154 32.75 -11.69 11.10
N GLY A 155 31.69 -11.98 10.35
CA GLY A 155 30.43 -12.35 10.94
C GLY A 155 29.40 -12.79 9.91
N ALA A 163 17.48 -0.11 4.41
CA ALA A 163 18.15 1.12 4.87
C ALA A 163 19.29 0.81 5.84
N TYR A 164 20.52 1.19 5.46
CA TYR A 164 21.68 0.94 6.31
C TYR A 164 21.92 2.10 7.26
N THR A 165 22.46 1.77 8.43
CA THR A 165 22.97 2.77 9.39
C THR A 165 24.48 2.64 9.43
N HIS A 166 25.16 3.73 9.07
CA HIS A 166 26.60 3.71 8.89
C HIS A 166 27.32 3.84 10.23
N ALA A 167 28.29 2.94 10.47
CA ALA A 167 29.00 2.88 11.76
C ALA A 167 29.98 4.05 11.88
N PRO A 168 30.47 4.34 13.10
CA PRO A 168 31.38 5.47 13.28
C PRO A 168 32.69 5.28 12.50
N THR A 169 33.35 6.39 12.18
CA THR A 169 34.52 6.31 11.32
C THR A 169 35.69 5.62 12.01
N ASP A 170 35.65 5.48 13.34
CA ASP A 170 36.74 4.90 14.11
C ASP A 170 36.76 3.38 14.08
N LEU A 171 35.98 2.75 13.20
CA LEU A 171 36.00 1.29 13.08
C LEU A 171 37.40 0.80 12.76
N LYS A 172 37.76 -0.34 13.34
CA LYS A 172 39.11 -0.90 13.25
C LYS A 172 38.95 -2.27 12.61
N LEU A 173 38.98 -2.28 11.28
CA LEU A 173 38.57 -3.48 10.56
C LEU A 173 39.56 -4.61 10.78
N LEU A 174 40.83 -4.31 11.08
CA LEU A 174 41.78 -5.39 11.25
C LEU A 174 41.65 -6.05 12.62
N GLU A 175 40.90 -5.46 13.53
CA GLU A 175 40.72 -6.05 14.85
C GLU A 175 39.52 -6.96 14.90
N ARG A 176 38.89 -7.19 13.77
CA ARG A 176 37.71 -8.04 13.65
C ARG A 176 38.11 -9.45 13.22
N PRO A 177 37.18 -10.42 13.30
CA PRO A 177 37.60 -11.83 13.26
C PRO A 177 38.23 -12.30 11.95
N ALA A 178 37.88 -11.75 10.79
CA ALA A 178 38.52 -12.24 9.55
C ALA A 178 40.02 -12.01 9.59
N TRP A 179 40.45 -10.79 9.91
CA TRP A 179 41.87 -10.51 9.91
C TRP A 179 42.57 -11.19 11.08
N GLN A 180 41.92 -11.25 12.24
CA GLN A 180 42.53 -11.93 13.39
C GLN A 180 42.74 -13.40 13.09
N THR A 181 41.79 -14.02 12.37
CA THR A 181 41.98 -15.41 11.95
C THR A 181 43.13 -15.55 10.97
N TYR A 182 43.19 -14.65 9.98
CA TYR A 182 44.30 -14.68 9.03
C TYR A 182 45.64 -14.65 9.74
N ILE A 183 45.84 -13.71 10.68
CA ILE A 183 47.18 -13.60 11.25
C ILE A 183 47.49 -14.71 12.25
N LYS A 184 46.46 -15.32 12.84
CA LYS A 184 46.68 -16.41 13.79
C LYS A 184 46.86 -17.76 13.09
N LYS A 185 46.13 -18.00 12.00
CA LYS A 185 46.15 -19.31 11.35
C LYS A 185 46.83 -19.35 9.99
N TYR A 186 46.94 -18.22 9.25
CA TYR A 186 47.40 -18.29 7.85
C TYR A 186 48.42 -17.23 7.45
N SER A 187 49.19 -16.65 8.38
CA SER A 187 50.07 -15.55 8.02
C SER A 187 51.13 -15.95 6.99
N GLY A 188 51.34 -17.26 6.77
CA GLY A 188 52.30 -17.72 5.77
C GLY A 188 51.80 -17.71 4.33
N GLN A 189 50.55 -17.30 4.09
CA GLN A 189 49.93 -17.28 2.77
C GLN A 189 49.57 -15.86 2.35
N PRO A 190 49.59 -15.57 1.06
CA PRO A 190 49.05 -14.27 0.59
C PRO A 190 47.55 -14.26 0.76
N PHE A 191 46.98 -13.09 0.96
CA PHE A 191 45.54 -13.03 1.19
C PHE A 191 44.88 -12.33 0.01
N PHE A 192 43.65 -12.76 -0.29
CA PHE A 192 42.71 -12.01 -1.09
C PHE A 192 41.64 -11.52 -0.14
N ALA A 193 41.47 -10.21 -0.04
CA ALA A 193 40.43 -9.67 0.84
C ALA A 193 39.44 -8.84 0.04
N GLN A 194 38.14 -9.11 0.23
CA GLN A 194 37.10 -8.20 -0.22
C GLN A 194 36.62 -7.42 1.01
N ILE A 195 36.73 -6.10 0.93
CA ILE A 195 36.41 -5.23 2.06
C ILE A 195 35.22 -4.39 1.64
N ASN A 196 34.05 -4.67 2.23
CA ASN A 196 32.77 -4.07 1.83
C ASN A 196 32.38 -2.99 2.83
N TYR A 197 32.34 -1.75 2.37
CA TYR A 197 31.78 -0.70 3.22
C TYR A 197 30.27 -0.57 2.98
N SER A 198 29.60 0.01 3.98
CA SER A 198 28.16 0.26 3.88
C SER A 198 27.88 1.56 3.13
N GLU A 199 28.72 2.59 3.30
CA GLU A 199 28.61 3.80 2.48
C GLU A 199 28.91 3.47 1.03
N THR A 200 28.21 4.12 0.09
CA THR A 200 27.30 5.23 0.36
C THR A 200 25.83 4.93 0.06
N HIS A 201 25.38 3.74 0.49
CA HIS A 201 23.99 3.33 0.54
C HIS A 201 23.19 4.23 1.49
N ARG A 202 21.89 4.40 1.24
CA ARG A 202 21.00 5.07 2.19
C ARG A 202 20.79 4.18 3.42
N THR A 203 20.51 4.78 4.59
CA THR A 203 20.31 6.22 4.85
C THR A 203 21.61 7.00 4.91
N PHE A 204 21.66 8.16 4.24
CA PHE A 204 22.87 8.96 4.25
C PHE A 204 23.12 9.51 5.65
N ILE A 205 24.39 9.78 5.97
CA ILE A 205 24.79 10.23 7.30
C ILE A 205 25.49 11.58 7.17
N ALA A 206 25.16 12.51 8.07
CA ALA A 206 25.79 13.83 8.04
C ALA A 206 27.25 13.73 8.46
N ASP A 207 28.06 14.63 7.90
CA ASP A 207 29.47 14.76 8.26
C ASP A 207 29.59 16.15 8.88
N LYS A 208 29.47 16.23 10.21
CA LYS A 208 29.52 17.54 10.85
C LYS A 208 30.94 18.08 10.99
N LYS A 209 31.97 17.34 10.57
CA LYS A 209 33.31 17.92 10.57
C LYS A 209 33.59 18.77 9.32
N ASN A 210 33.01 18.41 8.18
CA ASN A 210 33.15 19.21 6.95
C ASN A 210 31.79 19.28 6.27
N PRO A 211 30.85 20.03 6.85
CA PRO A 211 29.49 20.05 6.29
C PRO A 211 29.48 20.71 4.92
N ILE A 212 28.64 20.17 4.05
CA ILE A 212 28.52 20.62 2.67
C ILE A 212 27.35 21.60 2.53
N ASP A 213 27.58 22.68 1.80
CA ASP A 213 26.57 23.72 1.59
C ASP A 213 25.68 23.27 0.44
N PRO A 214 24.40 22.95 0.70
CA PRO A 214 23.54 22.43 -0.37
C PRO A 214 23.39 23.36 -1.54
N SER A 215 23.50 24.66 -1.30
CA SER A 215 23.37 25.63 -2.36
C SER A 215 24.53 25.59 -3.36
N LYS A 216 25.62 24.88 -3.03
CA LYS A 216 26.82 24.87 -3.87
C LYS A 216 27.07 23.55 -4.59
N VAL A 217 26.28 22.51 -4.33
CA VAL A 217 26.56 21.20 -4.94
C VAL A 217 26.09 21.20 -6.39
N LYS A 218 26.72 20.35 -7.20
CA LYS A 218 26.42 20.21 -8.61
C LYS A 218 25.38 19.10 -8.79
N ILE A 219 24.23 19.44 -9.35
CA ILE A 219 23.08 18.54 -9.48
C ILE A 219 22.91 18.19 -10.97
N PRO A 220 22.72 16.92 -11.34
CA PRO A 220 22.40 16.60 -12.74
C PRO A 220 21.11 17.28 -13.20
N SER A 221 20.99 17.46 -14.51
CA SER A 221 19.87 18.23 -15.05
C SER A 221 18.55 17.51 -14.90
N TYR A 222 18.56 16.19 -14.72
CA TYR A 222 17.31 15.45 -14.65
C TYR A 222 16.73 15.38 -13.23
N TYR A 223 17.32 16.09 -12.24
CA TYR A 223 16.66 16.32 -10.95
C TYR A 223 16.35 17.80 -10.79
N PRO A 224 15.28 18.15 -10.09
CA PRO A 224 14.94 19.57 -9.94
C PRO A 224 15.98 20.30 -9.10
N ASP A 225 16.33 21.52 -9.56
CA ASP A 225 17.14 22.43 -8.75
C ASP A 225 16.24 22.98 -7.66
N HIS A 226 16.26 22.32 -6.50
CA HIS A 226 15.27 22.54 -5.45
C HIS A 226 15.95 22.22 -4.12
N ASP A 227 15.49 22.89 -3.04
CA ASP A 227 16.08 22.67 -1.71
C ASP A 227 16.05 21.19 -1.29
N ILE A 228 14.97 20.47 -1.61
CA ILE A 228 14.89 19.07 -1.19
C ILE A 228 15.97 18.26 -1.90
N THR A 229 16.09 18.46 -3.21
CA THR A 229 17.14 17.77 -3.97
C THR A 229 18.51 18.07 -3.38
N ARG A 230 18.77 19.35 -3.13
CA ARG A 230 20.12 19.76 -2.73
C ARG A 230 20.45 19.32 -1.32
N ARG A 231 19.48 19.30 -0.41
CA ARG A 231 19.76 18.84 0.95
C ARG A 231 20.08 17.35 0.96
N ASP A 232 19.28 16.57 0.24
CA ASP A 232 19.51 15.14 0.09
C ASP A 232 20.88 14.89 -0.58
N TRP A 233 21.19 15.68 -1.61
CA TRP A 233 22.46 15.52 -2.31
C TRP A 233 23.64 15.89 -1.42
N ALA A 234 23.52 16.98 -0.64
CA ALA A 234 24.60 17.31 0.27
C ALA A 234 24.87 16.18 1.25
N LEU A 235 23.82 15.52 1.74
CA LEU A 235 24.01 14.41 2.67
C LEU A 235 24.68 13.21 1.99
N TYR A 236 24.30 12.94 0.74
CA TYR A 236 25.00 11.92 -0.05
C TYR A 236 26.49 12.23 -0.11
N LEU A 237 26.85 13.46 -0.47
CA LEU A 237 28.27 13.81 -0.53
C LEU A 237 28.93 13.77 0.84
N GLU A 238 28.20 14.11 1.92
CA GLU A 238 28.80 13.94 3.24
C GLU A 238 28.97 12.46 3.60
N THR A 239 28.15 11.59 3.05
CA THR A 239 28.37 10.15 3.27
C THR A 239 29.62 9.66 2.55
N ILE A 240 29.87 10.19 1.35
CA ILE A 240 31.15 9.92 0.66
C ILE A 240 32.32 10.40 1.51
N GLN A 241 32.21 11.61 2.09
CA GLN A 241 33.28 12.11 2.96
C GLN A 241 33.51 11.17 4.13
N THR A 242 32.43 10.62 4.71
CA THR A 242 32.54 9.67 5.80
C THR A 242 33.32 8.42 5.40
N VAL A 243 32.98 7.84 4.25
CA VAL A 243 33.71 6.64 3.84
C VAL A 243 35.14 7.00 3.42
N ASP A 244 35.36 8.22 2.91
CA ASP A 244 36.75 8.62 2.66
C ASP A 244 37.58 8.56 3.94
N GLN A 245 37.03 9.06 5.04
CA GLN A 245 37.72 8.99 6.33
C GLN A 245 38.02 7.55 6.70
N LYS A 246 37.02 6.69 6.56
CA LYS A 246 37.22 5.27 6.87
C LYS A 246 38.31 4.66 6.00
N VAL A 247 38.36 5.05 4.73
CA VAL A 247 39.38 4.48 3.85
C VAL A 247 40.76 4.94 4.29
N GLY A 248 40.89 6.20 4.71
CA GLY A 248 42.17 6.67 5.24
C GLY A 248 42.58 5.88 6.47
N ASN A 249 41.64 5.66 7.39
CA ASN A 249 41.89 4.85 8.59
C ASN A 249 42.29 3.42 8.23
N LEU A 250 41.61 2.82 7.25
CA LEU A 250 41.98 1.46 6.83
C LEU A 250 43.41 1.43 6.32
N PHE A 251 43.80 2.39 5.47
CA PHE A 251 45.16 2.35 4.94
C PHE A 251 46.21 2.62 6.01
N SER A 252 45.90 3.42 7.02
CA SER A 252 46.86 3.58 8.12
C SER A 252 46.99 2.27 8.87
N GLU A 253 45.90 1.54 9.04
CA GLU A 253 45.95 0.27 9.76
C GLU A 253 46.69 -0.78 8.94
N LEU A 254 46.47 -0.79 7.62
CA LEU A 254 47.20 -1.73 6.76
C LEU A 254 48.69 -1.40 6.74
N GLU A 255 49.02 -0.12 6.70
CA GLU A 255 50.43 0.27 6.74
C GLU A 255 51.10 -0.23 8.01
N LYS A 256 50.50 0.06 9.17
CA LYS A 256 51.01 -0.42 10.46
C LYS A 256 51.08 -1.93 10.53
N ALA A 257 50.19 -2.64 9.85
CA ALA A 257 50.25 -4.09 9.79
C ALA A 257 51.41 -4.59 8.95
N GLY A 258 52.04 -3.73 8.15
CA GLY A 258 53.19 -4.13 7.39
C GLY A 258 52.90 -4.96 6.16
N VAL A 259 51.68 -4.89 5.64
CA VAL A 259 51.31 -5.68 4.46
C VAL A 259 51.22 -4.86 3.18
N LEU A 260 51.31 -3.52 3.27
CA LEU A 260 50.98 -2.71 2.09
C LEU A 260 52.01 -2.85 1.00
N GLU A 261 53.28 -3.04 1.36
CA GLU A 261 54.32 -3.06 0.33
C GLU A 261 54.07 -4.14 -0.71
N ASN A 262 53.46 -5.26 -0.33
CA ASN A 262 53.28 -6.36 -1.29
C ASN A 262 51.82 -6.58 -1.61
N THR A 263 51.03 -5.51 -1.68
CA THR A 263 49.59 -5.59 -1.91
C THR A 263 49.19 -4.73 -3.11
N ILE A 264 48.28 -5.24 -3.93
CA ILE A 264 47.64 -4.45 -4.98
C ILE A 264 46.18 -4.28 -4.58
N VAL A 265 45.67 -3.05 -4.66
CA VAL A 265 44.31 -2.73 -4.22
C VAL A 265 43.51 -2.24 -5.41
N PHE A 266 42.32 -2.82 -5.60
CA PHE A 266 41.31 -2.32 -6.52
C PHE A 266 40.25 -1.64 -5.67
N ILE A 267 39.99 -0.36 -5.89
CA ILE A 267 38.93 0.34 -5.18
C ILE A 267 37.85 0.67 -6.19
N PHE A 268 36.60 0.27 -5.89
CA PHE A 268 35.55 0.54 -6.86
C PHE A 268 34.19 0.51 -6.17
N GLY A 269 33.24 1.23 -6.79
CA GLY A 269 31.85 1.13 -6.39
C GLY A 269 31.20 -0.06 -7.06
N ASP A 270 30.17 -0.62 -6.39
CA ASP A 270 29.50 -1.77 -6.99
C ASP A 270 28.55 -1.35 -8.11
N HIS A 271 28.04 -0.12 -8.05
CA HIS A 271 27.26 0.50 -9.11
C HIS A 271 27.05 1.93 -8.65
N GLY A 272 26.32 2.71 -9.47
CA GLY A 272 26.19 4.13 -9.27
C GLY A 272 25.30 4.52 -8.10
N ARG A 273 25.24 5.84 -7.88
CA ARG A 273 24.73 6.43 -6.65
C ARG A 273 23.24 6.15 -6.44
N ALA A 274 22.84 6.14 -5.16
CA ALA A 274 21.44 5.93 -4.76
C ALA A 274 20.61 7.19 -4.95
N MET A 275 20.40 7.53 -6.23
CA MET A 275 19.54 8.63 -6.64
C MET A 275 18.56 8.11 -7.69
N LEU A 276 17.41 8.77 -7.79
CA LEU A 276 16.22 8.15 -8.38
C LEU A 276 16.44 7.56 -9.79
N ARG A 277 17.09 8.32 -10.68
CA ARG A 277 17.34 7.87 -12.06
C ARG A 277 18.74 7.29 -12.24
N ASP A 278 19.44 7.02 -11.14
CA ASP A 278 20.77 6.46 -11.29
C ASP A 278 20.80 4.98 -10.91
N LYS A 279 20.84 4.67 -9.62
CA LYS A 279 20.71 3.29 -9.18
C LYS A 279 19.41 2.64 -9.72
N GLN A 280 19.50 1.34 -10.06
CA GLN A 280 18.54 0.50 -10.78
C GLN A 280 18.48 0.73 -12.30
N TRP A 281 18.96 1.87 -12.81
CA TRP A 281 18.78 2.19 -14.21
C TRP A 281 20.11 2.12 -14.96
N LEU A 282 20.03 2.05 -16.29
CA LEU A 282 21.22 1.83 -17.10
C LEU A 282 21.77 3.12 -17.73
N TYR A 283 21.39 4.29 -17.21
CA TYR A 283 22.11 5.50 -17.57
C TYR A 283 23.50 5.47 -16.91
N ASP A 284 24.39 6.37 -17.33
CA ASP A 284 25.72 6.40 -16.72
C ASP A 284 25.63 6.65 -15.21
N GLY A 285 24.61 7.35 -14.74
CA GLY A 285 24.48 7.57 -13.30
C GLY A 285 24.36 6.28 -12.51
N GLY A 286 23.76 5.24 -13.10
CA GLY A 286 23.64 3.94 -12.47
C GLY A 286 24.79 2.99 -12.67
N LEU A 287 25.53 3.14 -13.77
CA LEU A 287 26.55 2.16 -14.18
C LEU A 287 27.97 2.61 -13.91
N ARG A 288 28.25 3.89 -14.09
CA ARG A 288 29.64 4.35 -14.05
C ARG A 288 30.11 4.52 -12.60
N VAL A 289 31.25 3.91 -12.27
CA VAL A 289 31.68 3.81 -10.88
C VAL A 289 33.14 4.27 -10.77
N PRO A 290 33.56 4.84 -9.64
CA PRO A 290 35.00 5.02 -9.42
C PRO A 290 35.70 3.68 -9.53
N LEU A 291 36.91 3.70 -10.08
CA LEU A 291 37.77 2.54 -10.10
C LEU A 291 39.21 3.05 -10.02
N ILE A 292 39.92 2.62 -8.97
CA ILE A 292 41.31 3.00 -8.75
C ILE A 292 42.08 1.71 -8.57
N VAL A 293 43.24 1.61 -9.21
CA VAL A 293 44.16 0.50 -8.95
C VAL A 293 45.42 1.09 -8.34
N TRP A 294 45.92 0.47 -7.27
CA TRP A 294 46.97 1.09 -6.47
C TRP A 294 47.85 0.01 -5.87
N GLY A 295 49.16 0.29 -5.74
CA GLY A 295 50.04 -0.52 -4.90
C GLY A 295 51.20 -1.13 -5.68
N LYS A 296 51.53 -2.38 -5.32
CA LYS A 296 52.74 -3.03 -5.81
C LYS A 296 52.80 -3.01 -7.32
N GLY A 297 53.90 -2.45 -7.85
CA GLY A 297 54.09 -2.43 -9.29
C GLY A 297 53.23 -1.42 -10.02
N ILE A 298 52.35 -0.69 -9.32
CA ILE A 298 51.44 0.23 -9.99
C ILE A 298 52.06 1.61 -10.00
N GLU A 299 52.53 2.06 -11.15
CA GLU A 299 53.12 3.38 -11.21
C GLU A 299 52.06 4.46 -10.96
N SER A 300 52.49 5.57 -10.38
CA SER A 300 51.58 6.61 -9.96
C SER A 300 51.22 7.56 -11.12
N ASN A 301 50.22 8.42 -10.83
CA ASN A 301 49.80 9.55 -11.68
C ASN A 301 49.35 9.12 -13.06
N GLN A 302 48.68 7.97 -13.14
CA GLN A 302 48.15 7.47 -14.39
C GLN A 302 46.63 7.66 -14.43
N VAL A 303 46.13 8.10 -15.59
CA VAL A 303 44.69 8.27 -15.80
C VAL A 303 44.31 7.42 -17.00
N ASN A 304 43.26 6.62 -16.87
CA ASN A 304 42.90 5.67 -17.90
C ASN A 304 41.50 6.01 -18.42
N ASN A 305 41.40 6.21 -19.74
CA ASN A 305 40.13 6.59 -20.35
C ASN A 305 39.58 5.49 -21.25
N GLU A 306 39.91 4.24 -20.97
CA GLU A 306 39.47 3.11 -21.77
C GLU A 306 38.25 2.46 -21.13
N LEU A 307 37.45 1.77 -21.94
CA LEU A 307 36.29 1.07 -21.38
C LEU A 307 36.72 -0.10 -20.49
N VAL A 308 36.23 -0.10 -19.25
CA VAL A 308 36.37 -1.22 -18.32
C VAL A 308 34.99 -1.55 -17.78
N SER A 309 34.67 -2.85 -17.70
CA SER A 309 33.47 -3.33 -17.03
C SER A 309 33.89 -3.99 -15.73
N LEU A 310 33.02 -4.00 -14.70
CA LEU A 310 33.46 -4.58 -13.43
C LEU A 310 33.69 -6.09 -13.53
N ILE A 311 33.14 -6.75 -14.54
CA ILE A 311 33.47 -8.17 -14.76
C ILE A 311 34.90 -8.34 -15.25
N ASP A 312 35.61 -7.23 -15.51
CA ASP A 312 37.03 -7.29 -15.87
C ASP A 312 37.93 -7.34 -14.65
N VAL A 313 37.40 -7.07 -13.46
CA VAL A 313 38.26 -7.03 -12.29
C VAL A 313 38.77 -8.43 -11.96
N MET A 314 37.90 -9.45 -12.03
CA MET A 314 38.38 -10.80 -11.73
C MET A 314 39.47 -11.26 -12.69
N PRO A 315 39.28 -11.27 -14.00
CA PRO A 315 40.38 -11.76 -14.87
C PRO A 315 41.65 -10.95 -14.70
N THR A 316 41.53 -9.64 -14.48
CA THR A 316 42.73 -8.85 -14.27
C THR A 316 43.43 -9.26 -12.99
N THR A 317 42.66 -9.62 -11.95
CA THR A 317 43.25 -10.07 -10.70
C THR A 317 43.94 -11.42 -10.90
N LEU A 318 43.30 -12.34 -11.61
CA LEU A 318 43.93 -13.62 -11.91
C LEU A 318 45.27 -13.41 -12.58
N ASP A 319 45.30 -12.57 -13.61
CA ASP A 319 46.54 -12.30 -14.33
C ASP A 319 47.61 -11.73 -13.41
N LEU A 320 47.24 -10.82 -12.52
CA LEU A 320 48.22 -10.25 -11.60
C LEU A 320 48.84 -11.29 -10.70
N VAL A 321 48.09 -12.31 -10.29
CA VAL A 321 48.62 -13.31 -9.38
C VAL A 321 49.17 -14.52 -10.12
N GLY A 322 49.27 -14.43 -11.45
CA GLY A 322 49.99 -15.42 -12.23
C GLY A 322 49.16 -16.56 -12.78
N LEU A 323 47.85 -16.45 -12.74
CA LEU A 323 46.96 -17.46 -13.29
C LEU A 323 46.52 -17.08 -14.70
N LYS A 324 46.32 -18.10 -15.53
CA LYS A 324 45.68 -17.94 -16.82
C LYS A 324 44.17 -17.80 -16.61
N VAL A 325 43.53 -17.01 -17.46
CA VAL A 325 42.09 -16.80 -17.35
C VAL A 325 41.44 -17.82 -18.29
N PRO A 326 40.47 -18.60 -17.83
CA PRO A 326 39.82 -19.56 -18.72
C PRO A 326 39.10 -18.83 -19.83
N ASP A 327 38.91 -19.55 -20.95
CA ASP A 327 38.26 -18.93 -22.11
C ASP A 327 36.82 -18.53 -21.84
N TYR A 328 36.10 -19.22 -20.94
CA TYR A 328 34.69 -18.90 -20.73
C TYR A 328 34.49 -17.52 -20.10
N VAL A 329 35.51 -16.99 -19.42
CA VAL A 329 35.29 -15.76 -18.68
C VAL A 329 34.97 -14.62 -19.64
N GLU A 330 33.89 -13.88 -19.35
CA GLU A 330 33.47 -12.81 -20.24
C GLU A 330 34.24 -11.53 -20.03
N GLY A 331 34.75 -11.32 -18.80
CA GLY A 331 35.54 -10.14 -18.53
C GLY A 331 36.86 -10.14 -19.29
N HIS A 332 37.40 -8.92 -19.51
CA HIS A 332 38.68 -8.68 -20.17
C HIS A 332 39.75 -8.38 -19.12
N ILE A 333 40.99 -8.81 -19.36
CA ILE A 333 42.14 -8.29 -18.61
C ILE A 333 42.39 -6.86 -19.05
N PHE A 334 42.37 -5.90 -18.11
CA PHE A 334 42.48 -4.50 -18.55
C PHE A 334 43.82 -3.87 -18.19
N LEU A 335 44.73 -4.64 -17.60
CA LEU A 335 45.98 -4.09 -17.11
C LEU A 335 47.09 -5.08 -17.36
N GLY A 336 48.25 -4.59 -17.78
CA GLY A 336 49.40 -5.45 -17.97
C GLY A 336 49.57 -5.95 -19.38
N LYS A 337 50.57 -6.84 -19.53
CA LYS A 337 50.96 -7.28 -20.87
C LYS A 337 49.87 -8.09 -21.59
N ASN A 338 48.90 -8.66 -20.88
CA ASN A 338 47.86 -9.44 -21.53
C ASN A 338 46.55 -8.66 -21.69
N LYS A 339 46.61 -7.34 -21.59
CA LYS A 339 45.39 -6.55 -21.63
C LYS A 339 44.70 -6.69 -22.98
N GLN A 340 43.36 -6.72 -22.98
CA GLN A 340 42.56 -6.89 -24.19
C GLN A 340 41.53 -5.77 -24.22
N LYS A 341 41.61 -4.89 -25.22
CA LYS A 341 40.73 -3.72 -25.24
C LYS A 341 39.28 -4.15 -25.45
N ARG A 342 38.35 -3.36 -24.92
CA ARG A 342 36.94 -3.52 -25.19
C ARG A 342 36.48 -2.60 -26.31
N ASP A 343 35.53 -3.07 -27.11
CA ASP A 343 34.79 -2.18 -27.99
C ASP A 343 33.54 -1.62 -27.32
N TYR A 344 32.95 -2.40 -26.42
CA TYR A 344 31.72 -2.07 -25.74
C TYR A 344 31.75 -2.55 -24.30
N ILE A 345 30.86 -1.97 -23.49
CA ILE A 345 30.45 -2.60 -22.24
C ILE A 345 28.95 -2.85 -22.36
N TYR A 346 28.43 -3.73 -21.49
CA TYR A 346 27.05 -4.17 -21.53
C TYR A 346 26.46 -4.09 -20.12
N ALA A 347 25.14 -3.93 -20.04
CA ALA A 347 24.50 -3.98 -18.73
C ALA A 347 23.04 -4.41 -18.91
N HIS A 348 22.43 -4.77 -17.77
CA HIS A 348 21.06 -5.29 -17.79
C HIS A 348 20.29 -4.82 -16.58
N LYS A 349 18.97 -4.86 -16.73
CA LYS A 349 18.00 -4.60 -15.66
C LYS A 349 16.91 -5.63 -15.85
N ASP A 350 16.67 -6.44 -14.83
CA ASP A 350 15.64 -7.46 -14.90
C ASP A 350 14.76 -7.16 -13.69
N ARG A 351 14.16 -8.13 -13.01
CA ARG A 351 13.39 -7.75 -11.84
C ARG A 351 14.28 -7.04 -10.82
N THR A 352 13.79 -5.93 -10.25
CA THR A 352 14.50 -5.26 -9.15
C THR A 352 13.51 -5.13 -7.97
N ASP A 353 13.74 -5.96 -6.97
CA ASP A 353 12.94 -6.27 -5.79
C ASP A 353 11.57 -6.86 -6.12
N GLU A 354 10.60 -6.03 -6.51
CA GLU A 354 9.29 -6.55 -6.88
C GLU A 354 8.97 -6.04 -8.24
N THR A 355 9.78 -5.11 -8.72
CA THR A 355 9.47 -4.39 -9.94
C THR A 355 9.96 -5.21 -11.12
N ASP A 356 9.04 -5.63 -11.97
CA ASP A 356 9.44 -6.44 -13.12
C ASP A 356 9.89 -5.54 -14.26
N ASP A 357 11.01 -5.86 -14.91
CA ASP A 357 11.43 -5.06 -16.06
C ASP A 357 12.35 -5.93 -16.87
N ARG A 358 12.66 -5.42 -18.05
CA ARG A 358 13.59 -6.12 -18.93
C ARG A 358 14.24 -5.04 -19.79
N VAL A 359 15.46 -4.63 -19.44
CA VAL A 359 16.19 -3.57 -20.12
C VAL A 359 17.63 -4.04 -20.35
N ARG A 360 18.20 -3.65 -21.49
CA ARG A 360 19.58 -3.99 -21.81
C ARG A 360 20.26 -2.76 -22.34
N ALA A 361 21.56 -2.67 -22.10
CA ALA A 361 22.30 -1.52 -22.57
C ALA A 361 23.60 -1.99 -23.18
N VAL A 362 24.02 -1.22 -24.19
CA VAL A 362 25.32 -1.36 -24.85
C VAL A 362 25.92 0.03 -24.88
N ARG A 363 27.21 0.14 -24.54
CA ARG A 363 27.85 1.45 -24.57
C ARG A 363 29.26 1.33 -25.15
N ASN A 364 29.60 2.17 -26.11
CA ASN A 364 31.00 2.30 -26.50
C ASN A 364 31.50 3.60 -25.86
N LEU A 365 32.70 4.10 -26.25
CA LEU A 365 33.23 5.25 -25.51
C LEU A 365 32.33 6.47 -25.66
N ARG A 366 31.59 6.57 -26.74
CA ARG A 366 30.77 7.75 -27.06
C ARG A 366 29.28 7.56 -26.84
N PHE A 367 28.71 6.45 -27.33
CA PHE A 367 27.26 6.29 -27.43
C PHE A 367 26.74 5.28 -26.41
N LYS A 368 25.58 5.62 -25.80
CA LYS A 368 24.81 4.69 -25.00
C LYS A 368 23.58 4.25 -25.79
N TYR A 369 23.38 2.94 -25.89
CA TYR A 369 22.16 2.36 -26.43
C TYR A 369 21.44 1.62 -25.33
N ILE A 370 20.15 1.83 -25.20
CA ILE A 370 19.33 1.16 -24.21
C ILE A 370 18.08 0.62 -24.89
N LYS A 371 17.79 -0.66 -24.67
CA LYS A 371 16.56 -1.26 -25.19
C LYS A 371 15.64 -1.62 -24.05
N ASN A 372 14.44 -1.06 -24.06
CA ASN A 372 13.37 -1.41 -23.12
C ASN A 372 12.52 -2.47 -23.78
N PHE A 373 12.55 -3.70 -23.25
CA PHE A 373 11.81 -4.79 -23.85
C PHE A 373 10.32 -4.73 -23.53
N TYR A 374 9.93 -3.96 -22.51
CA TYR A 374 8.54 -3.76 -22.10
C TYR A 374 8.22 -2.27 -22.18
N PRO A 375 8.03 -1.72 -23.39
CA PRO A 375 7.86 -0.26 -23.52
C PRO A 375 6.59 0.27 -22.89
N GLU A 376 5.59 -0.59 -22.73
CA GLU A 376 4.36 -0.13 -22.11
C GLU A 376 4.52 0.13 -20.62
N LYS A 377 5.66 -0.33 -19.98
CA LYS A 377 5.75 -0.06 -18.55
C LYS A 377 6.32 1.34 -18.34
N PRO A 378 5.78 2.13 -17.41
CA PRO A 378 6.42 3.42 -17.11
C PRO A 378 7.77 3.22 -16.44
N TYR A 379 8.66 4.20 -16.62
CA TYR A 379 9.88 4.17 -15.82
C TYR A 379 9.57 4.13 -14.32
N ASN A 380 8.56 4.91 -13.91
CA ASN A 380 8.23 5.06 -12.49
C ASN A 380 7.29 3.96 -12.02
N ASP A 381 7.45 2.76 -12.58
CA ASP A 381 6.74 1.59 -12.08
C ASP A 381 6.99 1.43 -10.59
N PHE A 382 5.96 1.02 -9.84
CA PHE A 382 6.10 1.01 -8.38
C PHE A 382 7.29 0.17 -7.93
N ASN A 383 8.11 0.78 -7.08
CA ASN A 383 9.22 0.13 -6.40
C ASN A 383 9.22 0.65 -4.98
N ALA A 384 8.98 -0.24 -4.01
CA ALA A 384 8.87 0.18 -2.60
C ALA A 384 10.13 0.90 -2.13
N TYR A 385 11.30 0.36 -2.47
CA TYR A 385 12.57 0.95 -2.05
C TYR A 385 12.68 2.42 -2.48
N LYS A 386 12.47 2.71 -3.76
CA LYS A 386 12.54 4.09 -4.22
C LYS A 386 11.53 4.97 -3.49
N HIS A 387 10.28 4.51 -3.37
CA HIS A 387 9.28 5.35 -2.67
C HIS A 387 9.60 5.52 -1.18
N LEU A 388 10.17 4.50 -0.56
CA LEU A 388 10.44 4.61 0.87
C LEU A 388 11.68 5.42 1.19
N GLN A 389 12.67 5.44 0.29
CA GLN A 389 13.97 5.95 0.67
C GLN A 389 14.39 7.24 0.00
N TYR A 390 13.67 7.66 -1.05
CA TYR A 390 14.14 8.73 -1.93
C TYR A 390 13.24 9.96 -1.81
N PRO A 391 13.61 10.97 -1.02
CA PRO A 391 12.78 12.17 -0.96
C PRO A 391 12.52 12.80 -2.32
N VAL A 392 13.48 12.74 -3.25
CA VAL A 392 13.29 13.38 -4.54
C VAL A 392 12.20 12.70 -5.37
N LEU A 393 11.88 11.42 -5.13
CA LEU A 393 10.74 10.82 -5.83
C LEU A 393 9.44 11.53 -5.45
N ALA A 394 9.25 11.82 -4.15
CA ALA A 394 8.05 12.54 -3.76
C ALA A 394 8.06 13.96 -4.32
N LEU A 395 9.22 14.63 -4.27
CA LEU A 395 9.34 15.97 -4.83
C LEU A 395 8.95 15.96 -6.30
N MET A 396 9.51 15.04 -7.09
CA MET A 396 9.24 15.07 -8.53
C MET A 396 7.80 14.68 -8.83
N GLU A 397 7.21 13.77 -8.06
CA GLU A 397 5.80 13.45 -8.26
C GLU A 397 4.92 14.65 -7.94
N SER A 398 5.18 15.34 -6.83
CA SER A 398 4.49 16.60 -6.53
C SER A 398 4.66 17.62 -7.65
N MET A 399 5.89 17.84 -8.09
CA MET A 399 6.14 18.86 -9.12
C MET A 399 5.55 18.47 -10.47
N HIS A 400 5.62 17.16 -10.82
CA HIS A 400 5.03 16.71 -12.09
C HIS A 400 3.53 16.99 -12.11
N ALA A 401 2.84 16.76 -11.00
CA ALA A 401 1.40 17.00 -10.94
C ALA A 401 1.07 18.49 -11.09
N LYS A 402 2.01 19.37 -10.76
CA LYS A 402 1.81 20.80 -10.89
C LYS A 402 2.43 21.34 -12.18
N LYS A 403 2.95 20.44 -13.03
CA LYS A 403 3.57 20.79 -14.30
C LYS A 403 4.81 21.66 -14.11
N LEU A 404 5.51 21.42 -13.01
CA LEU A 404 6.67 22.22 -12.67
C LEU A 404 8.00 21.57 -13.04
N LEU A 405 8.02 20.33 -13.53
CA LEU A 405 9.29 19.77 -13.95
C LEU A 405 9.73 20.36 -15.28
N THR A 406 11.04 20.48 -15.47
CA THR A 406 11.51 20.79 -16.81
C THR A 406 11.24 19.61 -17.75
N HIS A 407 11.42 19.88 -19.04
CA HIS A 407 11.26 18.84 -20.04
C HIS A 407 12.17 17.65 -19.75
N GLU A 408 13.44 17.92 -19.46
CA GLU A 408 14.41 16.88 -19.15
C GLU A 408 14.00 16.06 -17.92
N GLN A 409 13.54 16.75 -16.87
CA GLN A 409 13.14 16.04 -15.65
C GLN A 409 11.86 15.25 -15.86
N ALA A 410 10.95 15.73 -16.71
CA ALA A 410 9.68 15.03 -16.88
C ALA A 410 9.82 13.71 -17.66
N LEU A 411 10.95 13.48 -18.36
CA LEU A 411 11.06 12.28 -19.20
C LEU A 411 10.82 11.00 -18.40
N PHE A 412 11.37 10.96 -17.19
CA PHE A 412 11.22 9.78 -16.33
C PHE A 412 9.76 9.53 -15.94
N PHE A 413 8.89 10.54 -16.03
CA PHE A 413 7.52 10.40 -15.54
C PHE A 413 6.52 10.19 -16.66
N ALA A 414 7.00 9.86 -17.86
CA ALA A 414 6.11 9.48 -18.94
C ALA A 414 5.36 8.19 -18.61
N PRO A 415 4.16 8.00 -19.17
CA PRO A 415 3.43 6.75 -18.89
C PRO A 415 4.02 5.52 -19.56
N ASN A 416 4.88 5.69 -20.57
CA ASN A 416 5.49 4.56 -21.25
C ASN A 416 6.87 4.99 -21.73
N ARG A 417 7.54 4.09 -22.42
CA ARG A 417 8.93 4.31 -22.82
C ARG A 417 9.09 4.09 -24.31
N PRO A 418 10.06 4.77 -24.95
CA PRO A 418 10.48 4.33 -26.28
C PRO A 418 11.15 2.97 -26.17
N GLN A 419 10.94 2.13 -27.19
CA GLN A 419 11.62 0.83 -27.14
C GLN A 419 13.14 1.00 -27.12
N GLU A 420 13.66 1.96 -27.88
CA GLU A 420 15.09 2.20 -27.88
C GLU A 420 15.45 3.63 -27.47
N GLU A 421 16.55 3.75 -26.76
CA GLU A 421 17.15 5.02 -26.39
C GLU A 421 18.58 5.05 -26.91
N LEU A 422 18.99 6.18 -27.44
CA LEU A 422 20.35 6.36 -27.92
C LEU A 422 20.84 7.74 -27.52
N TYR A 423 21.98 7.80 -26.82
CA TYR A 423 22.55 9.06 -26.34
C TYR A 423 23.99 9.22 -26.79
N ASP A 424 24.30 10.41 -27.28
CA ASP A 424 25.66 10.85 -27.59
C ASP A 424 26.22 11.46 -26.31
N THR A 425 26.95 10.66 -25.53
CA THR A 425 27.35 11.13 -24.20
C THR A 425 28.40 12.23 -24.27
N PHE A 426 29.10 12.38 -25.39
CA PHE A 426 30.02 13.50 -25.54
C PHE A 426 29.28 14.82 -25.51
N ASN A 427 28.13 14.88 -26.16
CA ASN A 427 27.38 16.12 -26.29
C ASN A 427 26.22 16.19 -25.32
N ASP A 428 25.92 15.08 -24.64
CA ASP A 428 24.74 14.97 -23.78
C ASP A 428 25.12 14.05 -22.61
N PRO A 429 26.00 14.52 -21.71
CA PRO A 429 26.48 13.62 -20.66
C PRO A 429 25.40 13.22 -19.67
N ASP A 430 24.32 13.99 -19.54
CA ASP A 430 23.25 13.59 -18.64
C ASP A 430 22.25 12.65 -19.31
N GLU A 431 22.47 12.30 -20.59
CA GLU A 431 21.62 11.37 -21.33
C GLU A 431 20.15 11.77 -21.21
N VAL A 432 19.85 12.99 -21.65
CA VAL A 432 18.47 13.44 -21.65
C VAL A 432 17.94 13.72 -23.04
N ASN A 433 18.75 13.55 -24.07
CA ASN A 433 18.32 13.86 -25.44
C ASN A 433 18.36 12.60 -26.29
N ASN A 434 17.26 11.86 -26.29
CA ASN A 434 17.23 10.56 -26.94
C ASN A 434 17.30 10.76 -28.45
N LEU A 435 18.30 10.17 -29.09
CA LEU A 435 18.50 10.29 -30.53
C LEU A 435 17.91 9.14 -31.33
N ALA A 436 17.23 8.18 -30.69
CA ALA A 436 16.82 6.97 -31.39
C ALA A 436 15.86 7.27 -32.55
N LEU A 437 15.12 8.35 -32.49
CA LEU A 437 14.18 8.64 -33.57
C LEU A 437 14.74 9.61 -34.59
N ASN A 438 15.99 10.01 -34.44
CA ASN A 438 16.65 10.96 -35.33
C ASN A 438 17.37 10.16 -36.42
N LYS A 439 16.90 10.26 -37.67
CA LYS A 439 17.46 9.39 -38.70
C LYS A 439 18.93 9.67 -38.97
N ASN A 440 19.45 10.84 -38.57
CA ASN A 440 20.88 11.13 -38.69
C ASN A 440 21.72 10.16 -37.86
N TYR A 441 21.14 9.54 -36.85
CA TYR A 441 21.86 8.60 -35.99
C TYR A 441 21.39 7.17 -36.18
N GLU A 442 20.61 6.90 -37.24
CA GLU A 442 20.07 5.56 -37.37
C GLU A 442 21.15 4.51 -37.63
N GLU A 443 22.22 4.86 -38.34
CA GLU A 443 23.23 3.85 -38.57
C GLU A 443 23.87 3.44 -37.25
N GLN A 444 24.13 4.41 -36.38
CA GLN A 444 24.68 4.12 -35.06
C GLN A 444 23.68 3.32 -34.23
N LEU A 445 22.40 3.70 -34.28
CA LEU A 445 21.34 2.93 -33.63
C LEU A 445 21.35 1.47 -34.08
N LEU A 446 21.36 1.23 -35.40
CA LEU A 446 21.27 -0.14 -35.89
C LEU A 446 22.53 -0.93 -35.56
N THR A 447 23.69 -0.27 -35.58
CA THR A 447 24.94 -0.91 -35.17
C THR A 447 24.84 -1.45 -33.74
N MET A 448 24.34 -0.61 -32.82
CA MET A 448 24.26 -0.98 -31.42
C MET A 448 23.09 -1.93 -31.17
N ARG A 449 21.99 -1.73 -31.89
CA ARG A 449 20.93 -2.73 -31.82
C ARG A 449 21.44 -4.11 -32.20
N LYS A 450 22.22 -4.20 -33.29
CA LYS A 450 22.72 -5.49 -33.75
C LYS A 450 23.74 -6.08 -32.78
N GLU A 451 24.58 -5.22 -32.18
CA GLU A 451 25.54 -5.70 -31.17
C GLU A 451 24.83 -6.28 -29.96
N LEU A 452 23.74 -5.66 -29.51
CA LEU A 452 22.97 -6.24 -28.41
C LEU A 452 22.44 -7.61 -28.79
N GLN A 453 21.85 -7.73 -29.98
CA GLN A 453 21.37 -9.03 -30.43
C GLN A 453 22.49 -10.06 -30.49
N ARG A 454 23.65 -9.66 -31.02
CA ARG A 454 24.78 -10.57 -31.09
C ARG A 454 25.23 -11.00 -29.70
N TRP A 455 25.32 -10.03 -28.78
CA TRP A 455 25.75 -10.33 -27.42
C TRP A 455 24.75 -11.24 -26.72
N GLN A 456 23.46 -10.99 -26.89
CA GLN A 456 22.48 -11.83 -26.22
C GLN A 456 22.58 -13.26 -26.70
N LYS A 457 22.78 -13.42 -28.01
CA LYS A 457 22.85 -14.77 -28.55
C LYS A 457 24.14 -15.46 -28.11
N ALA A 458 25.26 -14.72 -28.10
CA ALA A 458 26.54 -15.29 -27.67
C ALA A 458 26.54 -15.67 -26.20
N THR A 459 25.88 -14.90 -25.35
CA THR A 459 25.91 -15.17 -23.91
C THR A 459 24.73 -16.00 -23.43
N ASN A 460 23.78 -16.31 -24.31
CA ASN A 460 22.54 -17.03 -23.96
C ASN A 460 21.84 -16.37 -22.78
N ASP A 461 21.57 -15.06 -22.93
CA ASP A 461 21.03 -14.16 -21.90
C ASP A 461 19.85 -14.81 -21.19
N GLN A 462 20.02 -15.20 -19.92
CA GLN A 462 18.98 -15.92 -19.19
C GLN A 462 17.82 -15.00 -18.81
N GLY A 463 18.03 -13.69 -18.85
CA GLY A 463 16.96 -12.74 -18.52
C GLY A 463 15.87 -12.68 -19.56
N MET A 464 16.04 -13.35 -20.67
CA MET A 464 14.97 -13.48 -21.65
C MET A 464 13.99 -14.60 -21.30
N ILE A 465 14.21 -15.30 -20.19
CA ILE A 465 13.35 -16.41 -19.75
C ILE A 465 12.59 -15.91 -18.54
N ASP A 466 11.24 -15.92 -18.62
CA ASP A 466 10.43 -15.36 -17.53
C ASP A 466 10.68 -16.13 -16.23
N GLU A 467 10.59 -15.44 -15.11
CA GLU A 467 10.56 -16.13 -13.83
C GLU A 467 9.19 -16.77 -13.62
N THR A 468 9.13 -17.75 -12.71
CA THR A 468 7.87 -18.42 -12.44
C THR A 468 6.90 -17.48 -11.76
N PRO A 469 5.60 -17.74 -11.89
CA PRO A 469 4.61 -16.98 -11.12
C PRO A 469 4.82 -17.05 -9.61
N GLU A 470 5.20 -18.23 -9.08
CA GLU A 470 5.41 -18.33 -7.64
C GLU A 470 6.50 -17.36 -7.16
N VAL A 471 7.59 -17.24 -7.92
CA VAL A 471 8.66 -16.31 -7.53
C VAL A 471 8.19 -14.87 -7.63
N LYS A 472 7.52 -14.53 -8.73
CA LYS A 472 7.12 -13.14 -8.94
C LYS A 472 6.12 -12.71 -7.89
N GLU A 473 5.20 -13.61 -7.54
CA GLU A 473 4.17 -13.26 -6.56
C GLU A 473 4.77 -13.12 -5.18
N TYR A 474 5.72 -14.00 -4.86
CA TYR A 474 6.38 -13.95 -3.55
C TYR A 474 6.99 -12.58 -3.30
N TRP A 475 7.78 -12.09 -4.26
CA TRP A 475 8.45 -10.82 -4.04
C TRP A 475 7.49 -9.64 -4.13
N ASP A 476 6.51 -9.68 -5.05
CA ASP A 476 5.55 -8.58 -5.17
C ASP A 476 4.87 -8.36 -3.83
N ASP A 477 4.48 -9.46 -3.19
CA ASP A 477 3.89 -9.43 -1.86
C ASP A 477 4.88 -8.91 -0.85
N PHE A 478 6.07 -9.52 -0.81
CA PHE A 478 7.10 -9.20 0.18
C PHE A 478 7.33 -7.69 0.22
N PHE A 479 7.53 -7.09 -0.95
CA PHE A 479 7.88 -5.67 -0.95
C PHE A 479 6.69 -4.72 -0.83
N LYS A 480 5.56 -5.02 -1.47
CA LYS A 480 4.42 -4.12 -1.31
C LYS A 480 3.89 -4.16 0.13
N LYS A 481 4.01 -5.30 0.79
CA LYS A 481 3.83 -5.34 2.24
C LYS A 481 4.78 -4.42 2.96
N HIS A 482 6.07 -4.51 2.62
CA HIS A 482 7.08 -3.66 3.25
C HIS A 482 6.73 -2.19 3.09
N TYR A 483 6.29 -1.80 1.91
CA TYR A 483 5.80 -0.43 1.74
C TYR A 483 4.69 -0.06 2.72
N LEU A 484 3.60 -0.86 2.77
CA LEU A 484 2.51 -0.50 3.68
C LEU A 484 3.02 -0.45 5.12
N THR A 485 3.87 -1.41 5.48
CA THR A 485 4.37 -1.48 6.85
C THR A 485 5.14 -0.23 7.24
N GLN A 486 6.17 0.12 6.43
CA GLN A 486 7.01 1.28 6.76
C GLN A 486 6.23 2.58 6.63
N MET A 487 5.19 2.61 5.79
CA MET A 487 4.43 3.86 5.76
C MET A 487 3.66 4.05 7.06
N ARG A 488 3.04 2.98 7.56
CA ARG A 488 2.32 3.09 8.82
C ARG A 488 3.26 3.41 9.97
N LEU A 489 4.43 2.74 10.01
CA LEU A 489 5.44 3.03 11.03
C LEU A 489 5.84 4.50 11.06
N ARG A 490 5.96 5.13 9.89
CA ARG A 490 6.20 6.57 9.90
C ARG A 490 4.95 7.37 10.19
N GLY A 491 3.83 6.72 10.50
CA GLY A 491 2.57 7.43 10.68
C GLY A 491 1.99 7.98 9.40
N LEU A 492 2.29 7.36 8.26
CA LEU A 492 1.85 7.86 6.98
C LEU A 492 0.89 6.86 6.35
N SER A 493 -0.07 7.39 5.61
CA SER A 493 -0.94 6.57 4.80
C SER A 493 -0.18 5.99 3.60
N PRO A 494 -0.50 4.76 3.17
CA PRO A 494 0.14 4.23 1.94
C PRO A 494 -0.27 4.98 0.69
N LYS A 495 -1.35 5.74 0.75
CA LYS A 495 -1.80 6.57 -0.35
C LYS A 495 -1.51 8.04 -0.11
N ILE A 496 -0.53 8.35 0.74
CA ILE A 496 -0.23 9.73 1.08
C ILE A 496 -0.01 10.53 -0.20
N THR A 497 -0.46 11.79 -0.25
CA THR A 497 -0.18 12.59 -1.42
C THR A 497 1.31 12.93 -1.45
N PRO A 498 1.86 13.20 -2.63
CA PRO A 498 3.27 13.64 -2.67
C PRO A 498 3.53 14.84 -1.78
N ASP A 499 2.60 15.82 -1.74
CA ASP A 499 2.86 16.99 -0.92
C ASP A 499 2.85 16.67 0.57
N ASP A 500 1.96 15.79 1.01
CA ASP A 500 2.01 15.38 2.41
C ASP A 500 3.29 14.60 2.70
N TYR A 501 3.72 13.76 1.75
CA TYR A 501 4.96 13.01 1.95
C TYR A 501 6.14 13.96 2.06
N LEU A 502 6.11 15.06 1.30
CA LEU A 502 7.20 16.04 1.36
C LEU A 502 7.31 16.69 2.74
N ILE A 503 6.20 16.81 3.47
CA ILE A 503 6.27 17.32 4.85
C ILE A 503 7.08 16.39 5.72
N PHE A 504 6.84 15.10 5.58
CA PHE A 504 7.64 14.08 6.24
C PHE A 504 9.09 14.18 5.80
N TRP A 505 9.33 14.29 4.48
CA TRP A 505 10.72 14.23 4.02
C TRP A 505 11.53 15.43 4.51
N ASP A 506 10.89 16.60 4.62
CA ASP A 506 11.60 17.74 5.20
C ASP A 506 12.03 17.45 6.64
N LYS A 507 11.12 16.88 7.45
CA LYS A 507 11.49 16.57 8.84
C LYS A 507 12.57 15.49 8.91
N PHE A 508 12.49 14.51 8.00
CA PHE A 508 13.48 13.45 7.94
C PHE A 508 14.87 14.00 7.62
N LEU A 509 14.96 14.88 6.61
CA LEU A 509 16.24 15.49 6.26
C LEU A 509 16.79 16.30 7.44
N THR A 510 15.91 17.05 8.11
CA THR A 510 16.33 17.87 9.25
C THR A 510 16.89 17.00 10.35
N GLU A 511 16.25 15.86 10.59
CA GLU A 511 16.74 14.94 11.59
C GLU A 511 18.10 14.36 11.20
N GLN A 512 18.29 14.09 9.91
CA GLN A 512 19.59 13.66 9.40
C GLN A 512 20.66 14.73 9.60
N GLY A 513 20.27 16.00 9.58
CA GLY A 513 21.26 17.06 9.71
C GLY A 513 21.45 17.94 8.49
N LYS A 514 20.39 18.25 7.74
CA LYS A 514 20.51 19.16 6.60
C LYS A 514 19.18 19.87 6.28
N PRO B 34 -48.47 -14.32 16.41
CA PRO B 34 -48.04 -13.91 15.08
C PRO B 34 -46.61 -14.34 14.74
N ASN B 35 -46.38 -14.80 13.51
CA ASN B 35 -44.99 -14.93 13.07
C ASN B 35 -44.38 -13.55 12.92
N ILE B 36 -43.07 -13.48 13.02
CA ILE B 36 -42.34 -12.21 12.96
C ILE B 36 -41.26 -12.37 11.90
N ILE B 37 -41.17 -11.41 10.98
CA ILE B 37 -40.06 -11.39 10.04
C ILE B 37 -39.30 -10.08 10.23
N TRP B 38 -37.98 -10.14 10.30
CA TRP B 38 -37.14 -8.95 10.15
C TRP B 38 -36.46 -9.09 8.81
N LEU B 39 -36.88 -8.28 7.84
CA LEU B 39 -36.32 -8.32 6.51
C LEU B 39 -35.27 -7.24 6.47
N VAL B 40 -34.00 -7.63 6.46
CA VAL B 40 -32.90 -6.68 6.66
C VAL B 40 -32.20 -6.44 5.33
N LEU B 41 -32.25 -5.18 4.88
CA LEU B 41 -31.53 -4.75 3.70
C LEU B 41 -30.17 -4.17 4.09
N GLU B 42 -29.17 -4.34 3.23
CA GLU B 42 -27.83 -3.82 3.48
C GLU B 42 -27.69 -2.41 2.98
N ASP B 43 -27.02 -1.57 3.78
CA ASP B 43 -26.40 -0.34 3.26
C ASP B 43 -27.35 0.47 2.36
N ILE B 44 -28.39 1.01 2.99
CA ILE B 44 -29.40 1.73 2.22
C ILE B 44 -29.96 2.89 3.05
N SER B 45 -30.04 4.06 2.44
CA SER B 45 -30.61 5.27 3.05
C SER B 45 -32.08 5.39 2.64
N LEU B 46 -32.68 6.56 2.85
CA LEU B 46 -34.11 6.72 2.51
C LEU B 46 -34.27 6.99 1.01
N ASP B 47 -33.80 6.02 0.23
CA ASP B 47 -33.68 6.24 -1.20
C ASP B 47 -34.66 5.39 -1.98
N LEU B 48 -35.80 5.11 -1.38
CA LEU B 48 -36.89 4.40 -2.07
C LEU B 48 -37.81 5.42 -2.71
N SER B 49 -38.56 4.99 -3.71
CA SER B 49 -39.49 5.91 -4.34
C SER B 49 -40.48 6.49 -3.32
N VAL B 50 -40.98 5.65 -2.40
CA VAL B 50 -41.98 6.09 -1.43
C VAL B 50 -41.42 7.15 -0.49
N TYR B 51 -40.10 7.24 -0.37
CA TYR B 51 -39.54 8.29 0.46
C TYR B 51 -39.29 9.57 -0.32
N GLY B 52 -39.71 9.65 -1.57
CA GLY B 52 -39.53 10.86 -2.36
C GLY B 52 -38.36 10.84 -3.32
N THR B 53 -37.71 9.69 -3.52
CA THR B 53 -36.49 9.66 -4.32
C THR B 53 -36.80 9.62 -5.81
N PRO B 54 -36.27 10.55 -6.62
CA PRO B 54 -36.53 10.51 -8.06
C PRO B 54 -35.91 9.30 -8.76
N GLU B 55 -36.56 8.91 -9.87
CA GLU B 55 -36.12 7.93 -10.87
C GLU B 55 -36.12 6.47 -10.44
N VAL B 56 -35.94 6.18 -9.15
CA VAL B 56 -35.80 4.78 -8.75
C VAL B 56 -37.18 4.13 -8.76
N LYS B 57 -37.26 2.87 -9.16
CA LYS B 57 -38.52 2.13 -9.20
C LYS B 57 -38.47 1.11 -8.07
N THR B 58 -39.26 1.33 -7.03
CA THR B 58 -39.34 0.39 -5.90
C THR B 58 -40.81 0.04 -5.59
N PRO B 59 -41.53 -0.56 -6.56
CA PRO B 59 -42.97 -0.79 -6.33
C PRO B 59 -43.28 -1.68 -5.14
N ASN B 60 -42.47 -2.71 -4.90
CA ASN B 60 -42.82 -3.67 -3.85
C ASN B 60 -42.61 -3.07 -2.47
N LEU B 61 -41.49 -2.39 -2.28
CA LEU B 61 -41.28 -1.72 -0.98
C LEU B 61 -42.24 -0.55 -0.80
N ASP B 62 -42.53 0.21 -1.87
CA ASP B 62 -43.54 1.29 -1.78
C ASP B 62 -44.86 0.72 -1.29
N ARG B 63 -45.28 -0.42 -1.88
CA ARG B 63 -46.57 -1.00 -1.53
C ARG B 63 -46.58 -1.46 -0.08
N LEU B 64 -45.50 -2.10 0.38
CA LEU B 64 -45.41 -2.53 1.77
C LEU B 64 -45.51 -1.31 2.70
N ALA B 65 -44.81 -0.23 2.35
CA ALA B 65 -44.86 0.98 3.17
C ALA B 65 -46.29 1.53 3.22
N ASN B 66 -46.92 1.70 2.05
CA ASN B 66 -48.26 2.29 1.99
C ASN B 66 -49.30 1.40 2.66
N GLU B 67 -49.09 0.08 2.62
CA GLU B 67 -50.00 -0.84 3.27
C GLU B 67 -49.75 -0.96 4.77
N GLY B 68 -48.71 -0.34 5.28
CA GLY B 68 -48.45 -0.39 6.71
C GLY B 68 -48.05 0.94 7.25
N ILE B 69 -47.02 0.96 8.11
CA ILE B 69 -46.49 2.18 8.72
C ILE B 69 -45.12 2.47 8.12
N ARG B 70 -44.91 3.68 7.63
CA ARG B 70 -43.61 4.08 7.10
C ARG B 70 -42.97 5.05 8.10
N TYR B 71 -41.73 4.75 8.49
CA TYR B 71 -40.99 5.56 9.46
C TYR B 71 -39.98 6.46 8.76
N ASN B 72 -40.05 7.76 9.03
CA ASN B 72 -39.16 8.75 8.44
C ASN B 72 -37.97 9.09 9.34
N HIS B 73 -37.97 8.64 10.59
CA HIS B 73 -36.92 8.99 11.55
C HIS B 73 -36.41 7.75 12.28
N ALA B 74 -36.06 6.72 11.51
CA ALA B 74 -35.40 5.53 12.06
C ALA B 74 -33.91 5.61 11.82
N TYR B 75 -33.14 5.26 12.86
CA TYR B 75 -31.68 5.44 12.89
C TYR B 75 -31.00 4.19 13.42
N ALA B 76 -29.98 3.72 12.69
CA ALA B 76 -29.09 2.73 13.27
C ALA B 76 -28.28 3.35 14.41
N THR B 77 -27.69 2.49 15.24
CA THR B 77 -26.80 2.99 16.28
C THR B 77 -25.36 3.07 15.84
N ALA B 78 -25.06 2.65 14.62
CA ALA B 78 -23.70 2.71 14.06
C ALA B 78 -23.85 2.56 12.57
N ALA B 79 -22.76 2.81 11.84
CA ALA B 79 -22.89 2.91 10.38
C ALA B 79 -22.09 1.85 9.61
N VAL B 80 -21.78 0.70 10.23
CA VAL B 80 -21.29 -0.48 9.50
C VAL B 80 -21.97 -1.74 10.04
N CYS B 81 -21.79 -2.86 9.32
CA CYS B 81 -22.64 -4.04 9.52
C CYS B 81 -22.58 -4.53 10.97
N SER B 82 -21.39 -4.85 11.46
CA SER B 82 -21.33 -5.66 12.68
C SER B 82 -21.82 -4.89 13.89
N THR B 83 -21.55 -3.60 13.94
CA THR B 83 -21.95 -2.83 15.10
C THR B 83 -23.43 -2.49 15.03
N ALA B 84 -23.96 -2.23 13.84
CA ALA B 84 -25.41 -2.03 13.75
C ALA B 84 -26.15 -3.32 14.09
N ARG B 85 -25.63 -4.46 13.63
CA ARG B 85 -26.35 -5.74 13.74
C ARG B 85 -26.19 -6.36 15.12
N SER B 86 -24.99 -6.23 15.71
CA SER B 86 -24.83 -6.63 17.12
C SER B 86 -25.81 -5.89 17.99
N ALA B 87 -26.04 -4.62 17.67
CA ALA B 87 -26.96 -3.81 18.44
C ALA B 87 -28.39 -4.24 18.20
N PHE B 88 -28.84 -4.34 16.94
CA PHE B 88 -30.28 -4.51 16.83
C PHE B 88 -30.70 -5.93 17.18
N PHE B 89 -29.77 -6.88 17.19
CA PHE B 89 -30.14 -8.22 17.61
C PHE B 89 -30.20 -8.36 19.13
N THR B 90 -29.74 -7.34 19.88
CA THR B 90 -29.77 -7.37 21.35
C THR B 90 -30.55 -6.22 21.97
N GLY B 91 -30.99 -5.24 21.18
CA GLY B 91 -31.65 -4.12 21.82
C GLY B 91 -30.71 -3.23 22.63
N MET B 92 -29.40 -3.35 22.41
CA MET B 92 -28.39 -2.59 23.16
C MET B 92 -27.45 -1.89 22.17
N HIS B 93 -26.97 -0.70 22.51
CA HIS B 93 -25.90 -0.13 21.68
C HIS B 93 -24.68 -1.05 21.75
N ALA B 94 -23.94 -1.19 20.63
CA ALA B 94 -22.80 -2.09 20.65
C ALA B 94 -21.78 -1.69 21.72
N THR B 95 -21.65 -0.41 21.99
CA THR B 95 -20.70 0.06 23.00
C THR B 95 -21.09 -0.40 24.40
N SER B 96 -22.36 -0.68 24.63
CA SER B 96 -22.76 -1.12 25.97
C SER B 96 -22.40 -2.59 26.22
N ILE B 97 -22.18 -3.36 25.16
CA ILE B 97 -21.97 -4.79 25.29
C ILE B 97 -20.59 -5.19 24.79
N GLY B 98 -19.71 -4.21 24.57
CA GLY B 98 -18.34 -4.52 24.16
C GLY B 98 -18.17 -4.91 22.71
N ALA B 99 -19.19 -4.68 21.87
CA ALA B 99 -19.19 -5.08 20.48
C ALA B 99 -18.89 -3.91 19.54
N GLN B 100 -18.27 -2.82 20.06
CA GLN B 100 -18.23 -1.56 19.32
C GLN B 100 -17.20 -1.50 18.20
N ASN B 101 -16.22 -2.41 18.17
CA ASN B 101 -15.16 -2.37 17.17
C ASN B 101 -15.47 -3.35 16.05
N HIS B 102 -15.54 -2.82 14.81
CA HIS B 102 -15.87 -3.58 13.59
C HIS B 102 -14.58 -4.00 12.91
N ARG B 103 -14.23 -5.31 12.86
CA ARG B 103 -14.80 -6.41 13.64
C ARG B 103 -13.95 -6.73 14.85
N SER B 104 -14.52 -7.47 15.81
CA SER B 104 -13.73 -7.80 17.00
C SER B 104 -14.37 -8.98 17.71
N HIS B 105 -13.62 -9.54 18.65
CA HIS B 105 -14.09 -10.62 19.53
C HIS B 105 -14.64 -11.81 18.76
N LEU B 106 -14.01 -12.09 17.61
CA LEU B 106 -14.51 -13.19 16.79
C LEU B 106 -14.16 -14.55 17.37
N ASP B 107 -12.98 -14.69 17.95
CA ASP B 107 -12.49 -16.00 18.37
C ASP B 107 -11.55 -15.87 19.57
N ASP B 108 -11.94 -15.09 20.59
CA ASP B 108 -11.08 -14.84 21.75
C ASP B 108 -11.74 -15.19 23.08
N GLY B 109 -12.82 -15.96 23.06
CA GLY B 109 -13.47 -16.32 24.30
C GLY B 109 -14.29 -15.22 24.91
N TYR B 110 -14.57 -14.16 24.16
CA TYR B 110 -15.46 -13.09 24.65
C TYR B 110 -16.90 -13.44 24.27
N TYR B 111 -17.74 -13.69 25.29
CA TYR B 111 -19.14 -14.03 25.06
C TYR B 111 -20.02 -12.88 25.49
N LEU B 112 -21.18 -12.78 24.86
CA LEU B 112 -22.17 -11.80 25.31
C LEU B 112 -22.37 -11.97 26.80
N PRO B 113 -22.29 -10.90 27.58
CA PRO B 113 -22.57 -11.01 29.02
C PRO B 113 -23.88 -11.72 29.30
N LYS B 114 -23.88 -12.56 30.35
CA LYS B 114 -24.99 -13.47 30.59
C LYS B 114 -26.32 -12.74 30.79
N ASN B 115 -26.28 -11.50 31.28
CA ASN B 115 -27.50 -10.70 31.45
C ASN B 115 -28.06 -10.19 30.12
N ILE B 116 -27.32 -10.27 29.02
CA ILE B 116 -27.75 -9.71 27.74
C ILE B 116 -28.21 -10.87 26.88
N LYS B 117 -29.49 -10.93 26.55
CA LYS B 117 -30.00 -12.04 25.77
C LYS B 117 -30.13 -11.66 24.29
N MET B 118 -29.90 -12.64 23.41
CA MET B 118 -30.18 -12.39 22.00
C MET B 118 -31.68 -12.38 21.77
N THR B 119 -32.11 -11.64 20.73
CA THR B 119 -33.52 -11.64 20.36
C THR B 119 -34.08 -13.06 20.34
N SER B 120 -33.31 -14.00 19.79
CA SER B 120 -33.85 -15.34 19.60
C SER B 120 -34.03 -16.07 20.93
N GLN B 121 -33.26 -15.74 21.96
CA GLN B 121 -33.53 -16.34 23.28
C GLN B 121 -34.91 -15.94 23.80
N PHE B 122 -35.27 -14.65 23.67
CA PHE B 122 -36.61 -14.22 24.04
C PHE B 122 -37.68 -14.93 23.22
N MET B 123 -37.46 -15.04 21.92
CA MET B 123 -38.47 -15.65 21.06
C MET B 123 -38.62 -17.13 21.38
N ARG B 124 -37.52 -17.83 21.58
CA ARG B 124 -37.59 -19.22 22.06
C ARG B 124 -38.44 -19.32 23.33
N GLU B 125 -38.30 -18.36 24.25
CA GLU B 125 -39.10 -18.38 25.47
C GLU B 125 -40.58 -18.25 25.18
N ALA B 126 -40.95 -17.53 24.13
CA ALA B 126 -42.34 -17.40 23.77
C ALA B 126 -42.80 -18.53 22.85
N GLY B 127 -41.95 -19.54 22.61
CA GLY B 127 -42.34 -20.69 21.81
C GLY B 127 -42.03 -20.60 20.32
N TYR B 128 -41.24 -19.61 19.89
CA TYR B 128 -40.88 -19.42 18.49
C TYR B 128 -39.73 -20.31 18.08
N VAL B 129 -39.71 -20.69 16.81
CA VAL B 129 -38.53 -21.25 16.19
C VAL B 129 -37.85 -20.16 15.38
N ASN B 130 -36.53 -20.07 15.51
CA ASN B 130 -35.76 -18.95 14.99
C ASN B 130 -35.03 -19.35 13.71
N LEU B 131 -35.29 -18.63 12.62
CA LEU B 131 -34.78 -18.98 11.30
C LEU B 131 -33.87 -17.88 10.74
N LEU B 132 -32.71 -18.29 10.22
CA LEU B 132 -31.80 -17.39 9.51
C LEU B 132 -31.95 -17.66 8.01
N MET B 133 -32.54 -16.69 7.29
CA MET B 133 -32.85 -16.86 5.87
C MET B 133 -32.23 -15.73 5.05
N GLY B 134 -32.40 -15.82 3.73
CA GLY B 134 -31.84 -14.82 2.85
C GLY B 134 -30.44 -15.19 2.41
N PRO B 135 -29.96 -14.59 1.31
CA PRO B 135 -28.61 -14.94 0.83
C PRO B 135 -27.48 -14.64 1.82
N LYS B 136 -27.61 -13.61 2.63
CA LYS B 136 -26.53 -13.21 3.53
C LYS B 136 -26.65 -13.99 4.84
N GLN B 137 -25.98 -15.13 4.89
CA GLN B 137 -26.06 -16.04 6.02
C GLN B 137 -25.07 -15.66 7.12
N LYS B 138 -25.04 -14.39 7.45
CA LYS B 138 -24.07 -13.86 8.38
C LYS B 138 -24.83 -13.25 9.56
N THR B 139 -24.24 -13.38 10.74
CA THR B 139 -24.77 -12.64 11.89
C THR B 139 -24.00 -11.36 12.12
N ASP B 140 -22.70 -11.37 11.80
CA ASP B 140 -21.83 -10.22 11.95
C ASP B 140 -21.75 -9.74 13.39
N PHE B 141 -21.85 -10.64 14.37
CA PHE B 141 -21.70 -10.25 15.76
C PHE B 141 -20.24 -10.02 16.13
N ASN B 142 -19.99 -9.01 16.95
CA ASN B 142 -18.66 -8.81 17.51
C ASN B 142 -18.56 -9.42 18.90
N PHE B 143 -18.88 -10.71 18.94
CA PHE B 143 -18.85 -11.54 20.14
C PHE B 143 -19.18 -12.98 19.72
N SER B 144 -18.81 -13.94 20.57
CA SER B 144 -19.27 -15.31 20.39
C SER B 144 -20.46 -15.57 21.29
N THR B 145 -21.17 -16.68 21.03
CA THR B 145 -22.20 -17.13 21.95
C THR B 145 -21.99 -18.60 22.24
N THR B 146 -22.61 -19.07 23.31
CA THR B 146 -22.54 -20.49 23.66
C THR B 146 -23.87 -21.18 23.45
N ILE B 147 -24.89 -20.43 22.98
CA ILE B 147 -26.06 -21.04 22.38
C ILE B 147 -26.22 -20.46 20.96
N ASN B 148 -26.90 -21.22 20.11
CA ASN B 148 -27.04 -20.79 18.71
C ASN B 148 -27.93 -19.56 18.61
N ALA B 149 -27.55 -18.62 17.74
CA ALA B 149 -28.41 -17.47 17.51
C ALA B 149 -29.71 -17.88 16.81
N PHE B 150 -29.67 -18.92 15.99
CA PHE B 150 -30.85 -19.38 15.28
C PHE B 150 -30.98 -20.89 15.40
N ASP B 151 -32.21 -21.37 15.23
CA ASP B 151 -32.51 -22.79 15.31
C ASP B 151 -32.32 -23.49 13.99
N ALA B 152 -32.49 -22.80 12.88
CA ALA B 152 -32.20 -23.34 11.57
C ALA B 152 -31.70 -22.21 10.68
N GLN B 153 -30.84 -22.56 9.74
CA GLN B 153 -30.28 -21.58 8.81
C GLN B 153 -30.09 -22.27 7.47
N ASP B 154 -29.84 -21.47 6.44
CA ASP B 154 -29.65 -22.03 5.11
C ASP B 154 -28.26 -22.66 4.97
N GLY B 155 -27.25 -22.00 5.51
CA GLY B 155 -25.86 -22.37 5.28
C GLY B 155 -24.90 -21.83 6.33
N ALA B 163 -16.18 -7.05 -1.30
CA ALA B 163 -17.13 -6.76 -2.37
C ALA B 163 -18.00 -7.97 -2.63
N TYR B 164 -19.32 -7.84 -2.49
CA TYR B 164 -20.15 -8.98 -2.79
C TYR B 164 -20.69 -8.89 -4.21
N THR B 165 -21.13 -10.05 -4.69
CA THR B 165 -21.76 -10.20 -6.00
C THR B 165 -23.18 -10.68 -5.75
N HIS B 166 -24.15 -9.92 -6.24
CA HIS B 166 -25.55 -10.15 -5.90
C HIS B 166 -26.12 -11.27 -6.76
N ALA B 167 -26.84 -12.19 -6.13
CA ALA B 167 -27.39 -13.36 -6.81
C ALA B 167 -28.61 -12.97 -7.66
N PRO B 168 -29.02 -13.83 -8.59
CA PRO B 168 -30.15 -13.46 -9.46
C PRO B 168 -31.44 -13.24 -8.68
N THR B 169 -32.33 -12.44 -9.27
CA THR B 169 -33.57 -12.07 -8.60
C THR B 169 -34.51 -13.24 -8.38
N ASP B 170 -34.33 -14.33 -9.15
CA ASP B 170 -35.21 -15.50 -9.14
C ASP B 170 -34.93 -16.47 -7.99
N LEU B 171 -34.26 -16.02 -6.93
CA LEU B 171 -34.00 -16.87 -5.76
C LEU B 171 -35.31 -17.36 -5.14
N LYS B 172 -35.29 -18.59 -4.64
CA LYS B 172 -36.46 -19.21 -4.01
C LYS B 172 -36.10 -19.44 -2.55
N LEU B 173 -36.28 -18.41 -1.73
CA LEU B 173 -35.75 -18.48 -0.38
C LEU B 173 -36.44 -19.55 0.44
N LEU B 174 -37.73 -19.79 0.21
CA LEU B 174 -38.45 -20.77 1.02
C LEU B 174 -38.11 -22.22 0.65
N GLU B 175 -37.38 -22.46 -0.43
CA GLU B 175 -36.98 -23.80 -0.77
C GLU B 175 -35.59 -24.16 -0.24
N ARG B 176 -34.95 -23.24 0.49
CA ARG B 176 -33.64 -23.46 1.10
C ARG B 176 -33.78 -24.09 2.49
N PRO B 177 -32.65 -24.51 3.11
CA PRO B 177 -32.76 -25.40 4.30
C PRO B 177 -33.45 -24.83 5.53
N ALA B 178 -33.27 -23.55 5.86
CA ALA B 178 -33.94 -22.99 7.04
C ALA B 178 -35.45 -23.19 7.00
N TRP B 179 -36.10 -22.72 5.92
CA TRP B 179 -37.56 -22.85 5.87
C TRP B 179 -37.99 -24.30 5.74
N GLN B 180 -37.27 -25.09 4.94
CA GLN B 180 -37.60 -26.50 4.82
C GLN B 180 -37.54 -27.20 6.17
N THR B 181 -36.52 -26.89 6.98
CA THR B 181 -36.42 -27.48 8.31
C THR B 181 -37.59 -27.07 9.21
N TYR B 182 -37.97 -25.78 9.16
CA TYR B 182 -39.11 -25.27 9.91
C TYR B 182 -40.38 -26.07 9.65
N ILE B 183 -40.80 -26.17 8.38
CA ILE B 183 -42.11 -26.71 8.09
C ILE B 183 -42.13 -28.23 8.29
N LYS B 184 -40.99 -28.89 8.20
CA LYS B 184 -40.92 -30.35 8.33
C LYS B 184 -40.67 -30.83 9.75
N LYS B 185 -39.85 -30.13 10.54
CA LYS B 185 -39.50 -30.60 11.87
C LYS B 185 -40.23 -29.87 12.98
N TYR B 186 -40.93 -28.78 12.69
CA TYR B 186 -41.61 -28.03 13.72
C TYR B 186 -43.07 -27.88 13.33
N SER B 187 -43.97 -28.32 14.21
CA SER B 187 -45.40 -28.21 13.99
C SER B 187 -45.99 -27.29 15.05
N GLY B 188 -46.93 -26.45 14.63
CA GLY B 188 -47.67 -25.66 15.59
C GLY B 188 -46.87 -24.62 16.32
N GLN B 189 -45.68 -24.25 15.81
CA GLN B 189 -44.85 -23.21 16.40
C GLN B 189 -44.75 -22.03 15.45
N PRO B 190 -44.96 -20.81 15.94
CA PRO B 190 -44.71 -19.63 15.12
C PRO B 190 -43.21 -19.49 14.85
N PHE B 191 -42.88 -18.75 13.79
CA PHE B 191 -41.48 -18.53 13.44
C PHE B 191 -41.10 -17.07 13.65
N PHE B 192 -39.84 -16.88 14.01
CA PHE B 192 -39.14 -15.61 13.92
C PHE B 192 -38.08 -15.83 12.86
N ALA B 193 -38.13 -15.05 11.78
CA ALA B 193 -37.13 -15.19 10.73
C ALA B 193 -36.43 -13.85 10.52
N GLN B 194 -35.11 -13.87 10.55
CA GLN B 194 -34.32 -12.77 10.01
C GLN B 194 -33.94 -13.13 8.57
N ILE B 195 -34.37 -12.30 7.62
CA ILE B 195 -34.12 -12.54 6.20
C ILE B 195 -33.17 -11.45 5.72
N ASN B 196 -31.91 -11.81 5.46
CA ASN B 196 -30.84 -10.86 5.12
C ASN B 196 -30.60 -10.86 3.61
N TYR B 197 -30.73 -9.72 2.97
CA TYR B 197 -30.31 -9.62 1.57
C TYR B 197 -28.90 -9.04 1.48
N SER B 198 -28.24 -9.27 0.35
CA SER B 198 -26.90 -8.71 0.15
C SER B 198 -26.95 -7.29 -0.42
N GLU B 199 -27.97 -6.99 -1.21
CA GLU B 199 -28.22 -5.60 -1.62
C GLU B 199 -28.60 -4.79 -0.38
N THR B 200 -28.12 -3.55 -0.30
CA THR B 200 -27.44 -2.90 -1.43
C THR B 200 -25.95 -2.59 -1.18
N HIS B 201 -25.20 -3.55 -0.61
CA HIS B 201 -23.76 -3.48 -0.44
CA HIS B 201 -23.79 -3.23 -0.50
C HIS B 201 -23.08 -3.48 -1.82
N ARG B 202 -21.90 -2.87 -1.92
CA ARG B 202 -21.12 -2.97 -3.16
C ARG B 202 -20.61 -4.41 -3.29
N THR B 203 -20.33 -4.85 -4.53
CA THR B 203 -20.42 -4.12 -5.80
C THR B 203 -21.85 -3.92 -6.32
N PHE B 204 -22.16 -2.72 -6.78
CA PHE B 204 -23.51 -2.47 -7.29
C PHE B 204 -23.71 -3.23 -8.61
N ILE B 205 -24.98 -3.50 -8.91
CA ILE B 205 -25.33 -4.31 -10.07
C ILE B 205 -26.34 -3.53 -10.90
N ALA B 206 -26.18 -3.58 -12.22
CA ALA B 206 -27.08 -2.92 -13.14
C ALA B 206 -28.45 -3.60 -13.18
N ASP B 207 -29.46 -2.80 -13.47
CA ASP B 207 -30.83 -3.27 -13.68
C ASP B 207 -31.20 -2.84 -15.10
N LYS B 208 -30.98 -3.71 -16.08
CA LYS B 208 -31.29 -3.34 -17.46
C LYS B 208 -32.78 -3.44 -17.80
N LYS B 209 -33.63 -3.86 -16.87
CA LYS B 209 -35.07 -3.76 -17.10
C LYS B 209 -35.57 -2.32 -16.96
N ASN B 210 -35.02 -1.57 -16.00
CA ASN B 210 -35.41 -0.18 -15.79
C ASN B 210 -34.16 0.65 -15.49
N PRO B 211 -33.28 0.82 -16.47
CA PRO B 211 -32.03 1.55 -16.22
C PRO B 211 -32.29 3.00 -15.85
N ILE B 212 -31.46 3.51 -14.98
CA ILE B 212 -31.60 4.84 -14.43
C ILE B 212 -30.70 5.79 -15.18
N ASP B 213 -31.23 6.98 -15.47
CA ASP B 213 -30.48 8.03 -16.19
C ASP B 213 -29.65 8.79 -15.19
N PRO B 214 -28.31 8.70 -15.27
CA PRO B 214 -27.46 9.38 -14.28
C PRO B 214 -27.68 10.87 -14.20
N SER B 215 -28.08 11.51 -15.30
CA SER B 215 -28.23 12.96 -15.27
C SER B 215 -29.46 13.40 -14.51
N LYS B 216 -30.33 12.46 -14.14
CA LYS B 216 -31.58 12.76 -13.49
C LYS B 216 -31.62 12.38 -12.02
N VAL B 217 -30.57 11.75 -11.47
CA VAL B 217 -30.58 11.36 -10.05
C VAL B 217 -30.31 12.56 -9.15
N LYS B 218 -30.79 12.48 -7.91
CA LYS B 218 -30.62 13.51 -6.90
C LYS B 218 -29.40 13.12 -6.05
N ILE B 219 -28.39 13.97 -6.05
CA ILE B 219 -27.09 13.74 -5.39
C ILE B 219 -26.99 14.68 -4.18
N PRO B 220 -26.55 14.21 -3.01
CA PRO B 220 -26.34 15.13 -1.88
C PRO B 220 -25.30 16.19 -2.23
N SER B 221 -25.39 17.34 -1.54
CA SER B 221 -24.51 18.46 -1.88
C SER B 221 -23.05 18.19 -1.54
N TYR B 222 -22.76 17.20 -0.67
CA TYR B 222 -21.39 16.92 -0.25
C TYR B 222 -20.64 15.92 -1.16
N TYR B 223 -21.24 15.50 -2.28
CA TYR B 223 -20.54 14.84 -3.37
C TYR B 223 -20.52 15.72 -4.61
N PRO B 224 -19.52 15.61 -5.46
CA PRO B 224 -19.47 16.47 -6.66
C PRO B 224 -20.54 16.09 -7.65
N ASP B 225 -21.15 17.12 -8.25
CA ASP B 225 -22.06 16.94 -9.37
C ASP B 225 -21.19 16.65 -10.59
N HIS B 226 -21.00 15.37 -10.87
CA HIS B 226 -20.00 14.93 -11.83
C HIS B 226 -20.44 13.60 -12.39
N ASP B 227 -20.05 13.31 -13.63
CA ASP B 227 -20.45 12.05 -14.27
C ASP B 227 -20.05 10.82 -13.44
N ILE B 228 -18.85 10.82 -12.85
CA ILE B 228 -18.43 9.66 -12.04
C ILE B 228 -19.40 9.46 -10.87
N THR B 229 -19.67 10.53 -10.13
CA THR B 229 -20.62 10.45 -9.02
C THR B 229 -21.95 9.91 -9.49
N ARG B 230 -22.48 10.48 -10.58
CA ARG B 230 -23.83 10.14 -11.02
C ARG B 230 -23.92 8.71 -11.57
N ARG B 231 -22.88 8.22 -12.27
CA ARG B 231 -22.94 6.86 -12.78
C ARG B 231 -22.91 5.85 -11.64
N ASP B 232 -22.01 6.07 -10.68
CA ASP B 232 -21.99 5.23 -9.49
C ASP B 232 -23.33 5.29 -8.76
N TRP B 233 -23.92 6.48 -8.67
CA TRP B 233 -25.18 6.62 -7.95
C TRP B 233 -26.30 5.93 -8.68
N ALA B 234 -26.34 6.06 -10.02
CA ALA B 234 -27.35 5.36 -10.80
C ALA B 234 -27.28 3.84 -10.56
N LEU B 235 -26.08 3.27 -10.50
CA LEU B 235 -25.95 1.83 -10.22
C LEU B 235 -26.40 1.49 -8.80
N TYR B 236 -26.14 2.37 -7.83
CA TYR B 236 -26.66 2.17 -6.47
C TYR B 236 -28.18 2.05 -6.51
N LEU B 237 -28.86 3.03 -7.14
CA LEU B 237 -30.32 2.95 -7.20
C LEU B 237 -30.78 1.74 -8.01
N GLU B 238 -30.03 1.33 -9.05
CA GLU B 238 -30.45 0.13 -9.76
C GLU B 238 -30.26 -1.11 -8.90
N THR B 239 -29.34 -1.06 -7.93
CA THR B 239 -29.21 -2.17 -6.99
C THR B 239 -30.39 -2.20 -6.03
N ILE B 240 -30.89 -1.03 -5.66
CA ILE B 240 -32.12 -0.97 -4.86
C ILE B 240 -33.28 -1.57 -5.65
N GLN B 241 -33.40 -1.22 -6.94
CA GLN B 241 -34.44 -1.84 -7.79
C GLN B 241 -34.31 -3.35 -7.83
N THR B 242 -33.08 -3.87 -7.89
CA THR B 242 -32.86 -5.32 -7.87
C THR B 242 -33.37 -5.96 -6.57
N VAL B 243 -33.04 -5.36 -5.42
CA VAL B 243 -33.55 -5.98 -4.19
C VAL B 243 -35.06 -5.79 -4.08
N ASP B 244 -35.60 -4.69 -4.63
CA ASP B 244 -37.05 -4.52 -4.63
C ASP B 244 -37.75 -5.67 -5.34
N GLN B 245 -37.20 -6.09 -6.47
CA GLN B 245 -37.74 -7.23 -7.19
C GLN B 245 -37.69 -8.47 -6.32
N LYS B 246 -36.57 -8.66 -5.59
CA LYS B 246 -36.42 -9.84 -4.72
C LYS B 246 -37.43 -9.82 -3.59
N VAL B 247 -37.68 -8.65 -3.02
CA VAL B 247 -38.71 -8.55 -1.98
C VAL B 247 -40.07 -8.93 -2.55
N GLY B 248 -40.38 -8.47 -3.77
CA GLY B 248 -41.64 -8.90 -4.39
C GLY B 248 -41.71 -10.41 -4.50
N ASN B 249 -40.61 -11.04 -4.89
CA ASN B 249 -40.58 -12.48 -5.07
C ASN B 249 -40.72 -13.20 -3.75
N LEU B 250 -40.12 -12.67 -2.67
CA LEU B 250 -40.29 -13.26 -1.35
C LEU B 250 -41.75 -13.23 -0.93
N PHE B 251 -42.41 -12.08 -1.13
CA PHE B 251 -43.78 -12.00 -0.67
C PHE B 251 -44.69 -12.88 -1.50
N SER B 252 -44.39 -13.09 -2.77
CA SER B 252 -45.09 -14.10 -3.55
C SER B 252 -44.94 -15.48 -2.91
N GLU B 253 -43.71 -15.83 -2.48
CA GLU B 253 -43.49 -17.12 -1.82
C GLU B 253 -44.26 -17.21 -0.52
N LEU B 254 -44.22 -16.15 0.28
CA LEU B 254 -44.90 -16.16 1.57
C LEU B 254 -46.40 -16.31 1.40
N GLU B 255 -46.99 -15.60 0.43
CA GLU B 255 -48.43 -15.74 0.20
C GLU B 255 -48.79 -17.16 -0.21
N LYS B 256 -47.99 -17.75 -1.09
CA LYS B 256 -48.18 -19.12 -1.55
C LYS B 256 -48.06 -20.12 -0.40
N ALA B 257 -47.24 -19.81 0.62
CA ALA B 257 -47.13 -20.68 1.78
C ALA B 257 -48.29 -20.48 2.75
N GLY B 258 -49.04 -19.40 2.61
CA GLY B 258 -50.16 -19.14 3.49
C GLY B 258 -49.82 -18.53 4.83
N VAL B 259 -48.67 -17.87 4.96
CA VAL B 259 -48.26 -17.30 6.23
C VAL B 259 -48.49 -15.78 6.33
N LEU B 260 -48.99 -15.13 5.27
CA LEU B 260 -49.10 -13.67 5.29
C LEU B 260 -50.33 -13.18 6.06
N GLU B 261 -51.19 -14.08 6.53
CA GLU B 261 -52.33 -13.63 7.32
C GLU B 261 -51.97 -13.43 8.79
N ASN B 262 -50.91 -14.06 9.29
CA ASN B 262 -50.59 -13.94 10.71
C ASN B 262 -49.10 -13.71 10.90
N THR B 263 -48.53 -12.84 10.08
CA THR B 263 -47.12 -12.46 10.16
C THR B 263 -47.00 -10.94 10.19
N ILE B 264 -46.20 -10.42 11.13
CA ILE B 264 -45.82 -9.00 11.15
C ILE B 264 -44.39 -8.91 10.63
N VAL B 265 -44.14 -7.96 9.73
CA VAL B 265 -42.86 -7.85 9.03
C VAL B 265 -42.29 -6.48 9.35
N PHE B 266 -41.04 -6.45 9.87
CA PHE B 266 -40.25 -5.23 9.97
C PHE B 266 -39.26 -5.27 8.81
N ILE B 267 -39.28 -4.25 7.96
CA ILE B 267 -38.32 -4.11 6.88
C ILE B 267 -37.44 -2.92 7.21
N PHE B 268 -36.12 -3.10 7.20
CA PHE B 268 -35.25 -1.98 7.54
C PHE B 268 -33.83 -2.22 7.01
N GLY B 269 -33.11 -1.12 6.78
CA GLY B 269 -31.70 -1.23 6.49
C GLY B 269 -30.90 -1.37 7.78
N ASP B 270 -29.74 -2.05 7.67
CA ASP B 270 -28.89 -2.17 8.85
C ASP B 270 -28.20 -0.86 9.15
N HIS B 271 -27.91 -0.06 8.12
CA HIS B 271 -27.41 1.32 8.26
C HIS B 271 -27.50 1.93 6.86
N GLY B 272 -27.01 3.17 6.74
CA GLY B 272 -27.19 3.94 5.52
C GLY B 272 -26.27 3.47 4.38
N ARG B 273 -26.45 4.11 3.23
CA ARG B 273 -25.91 3.68 1.95
C ARG B 273 -24.38 3.67 1.91
N ALA B 274 -23.87 2.84 1.00
CA ALA B 274 -22.42 2.66 0.81
C ALA B 274 -21.86 3.78 -0.09
N MET B 275 -21.86 5.00 0.46
CA MET B 275 -21.30 6.16 -0.20
C MET B 275 -20.34 6.82 0.78
N LEU B 276 -19.39 7.58 0.24
CA LEU B 276 -18.17 7.92 0.98
C LEU B 276 -18.42 8.57 2.35
N ARG B 277 -19.29 9.58 2.43
CA ARG B 277 -19.55 10.25 3.71
C ARG B 277 -20.80 9.71 4.40
N ASP B 278 -21.26 8.52 3.99
CA ASP B 278 -22.50 8.04 4.59
C ASP B 278 -22.20 6.84 5.46
N LYS B 279 -22.01 5.69 4.82
CA LYS B 279 -21.58 4.50 5.54
C LYS B 279 -20.24 4.77 6.25
N GLN B 280 -20.13 4.21 7.47
CA GLN B 280 -19.09 4.38 8.49
C GLN B 280 -19.19 5.68 9.31
N TRP B 281 -19.95 6.68 8.86
CA TRP B 281 -19.95 7.98 9.53
C TRP B 281 -21.31 8.22 10.19
N LEU B 282 -21.36 9.23 11.06
CA LEU B 282 -22.53 9.43 11.91
C LEU B 282 -23.42 10.59 11.43
N TYR B 283 -23.26 11.00 10.18
CA TYR B 283 -24.25 11.89 9.58
C TYR B 283 -25.52 11.08 9.27
N ASP B 284 -26.59 11.80 8.93
CA ASP B 284 -27.84 11.11 8.62
C ASP B 284 -27.67 10.14 7.47
N GLY B 285 -26.74 10.40 6.54
CA GLY B 285 -26.55 9.47 5.43
C GLY B 285 -26.11 8.09 5.90
N GLY B 286 -25.34 8.02 6.98
CA GLY B 286 -24.85 6.75 7.49
C GLY B 286 -25.81 6.08 8.47
N LEU B 287 -26.67 6.86 9.14
CA LEU B 287 -27.51 6.35 10.22
C LEU B 287 -28.97 6.15 9.85
N ARG B 288 -29.53 7.04 9.05
CA ARG B 288 -30.98 6.99 8.82
C ARG B 288 -31.33 5.90 7.82
N VAL B 289 -32.26 5.02 8.20
CA VAL B 289 -32.57 3.86 7.35
C VAL B 289 -34.06 3.78 7.05
N PRO B 290 -34.47 3.16 5.92
CA PRO B 290 -35.88 2.79 5.75
C PRO B 290 -36.35 1.91 6.90
N LEU B 291 -37.57 2.13 7.35
CA LEU B 291 -38.16 1.22 8.32
C LEU B 291 -39.65 1.19 8.03
N ILE B 292 -40.14 -0.01 7.76
CA ILE B 292 -41.53 -0.26 7.45
C ILE B 292 -42.00 -1.36 8.38
N VAL B 293 -43.19 -1.19 8.93
CA VAL B 293 -43.85 -2.25 9.71
C VAL B 293 -45.14 -2.58 8.98
N TRP B 294 -45.39 -3.88 8.75
CA TRP B 294 -46.47 -4.31 7.88
C TRP B 294 -47.06 -5.61 8.42
N GLY B 295 -48.37 -5.77 8.27
CA GLY B 295 -49.01 -7.04 8.58
C GLY B 295 -50.46 -6.85 9.00
N LYS B 296 -51.21 -7.95 8.97
CA LYS B 296 -52.62 -7.88 9.36
C LYS B 296 -52.72 -7.41 10.82
N GLY B 297 -53.57 -6.42 11.05
CA GLY B 297 -53.60 -5.75 12.34
C GLY B 297 -52.87 -4.43 12.35
N ILE B 298 -51.90 -4.23 11.45
CA ILE B 298 -51.21 -2.96 11.27
C ILE B 298 -52.05 -2.13 10.30
N GLU B 299 -52.67 -1.06 10.78
CA GLU B 299 -53.48 -0.24 9.89
C GLU B 299 -52.60 0.33 8.77
N SER B 300 -53.21 0.52 7.61
N SER B 300 -53.21 0.51 7.60
CA SER B 300 -52.51 0.98 6.42
CA SER B 300 -52.49 0.97 6.43
C SER B 300 -52.39 2.49 6.41
C SER B 300 -52.39 2.49 6.41
N ASN B 301 -51.56 2.97 5.48
CA ASN B 301 -51.44 4.39 5.16
C ASN B 301 -51.01 5.24 6.33
N GLN B 302 -50.17 4.69 7.22
CA GLN B 302 -49.62 5.45 8.33
C GLN B 302 -48.20 5.92 8.03
N VAL B 303 -47.89 7.15 8.44
CA VAL B 303 -46.55 7.69 8.33
C VAL B 303 -46.14 8.17 9.70
N ASN B 304 -44.98 7.73 10.17
CA ASN B 304 -44.53 8.01 11.53
C ASN B 304 -43.28 8.89 11.46
N ASN B 305 -43.31 9.99 12.22
CA ASN B 305 -42.18 10.93 12.23
C ASN B 305 -41.55 11.05 13.61
N GLU B 306 -41.66 10.00 14.42
CA GLU B 306 -41.04 9.98 15.73
C GLU B 306 -39.64 9.35 15.66
N LEU B 307 -38.78 9.73 16.62
CA LEU B 307 -37.46 9.12 16.68
C LEU B 307 -37.55 7.64 17.02
N VAL B 308 -36.90 6.79 16.20
CA VAL B 308 -36.78 5.36 16.42
C VAL B 308 -35.30 5.02 16.20
N SER B 309 -34.75 4.18 17.07
CA SER B 309 -33.41 3.63 16.87
C SER B 309 -33.56 2.15 16.54
N LEU B 310 -32.59 1.57 15.82
CA LEU B 310 -32.76 0.15 15.46
C LEU B 310 -32.70 -0.75 16.70
N ILE B 311 -32.19 -0.25 17.82
CA ILE B 311 -32.20 -1.09 19.01
C ILE B 311 -33.62 -1.15 19.59
N ASP B 312 -34.57 -0.42 18.98
CA ASP B 312 -35.95 -0.43 19.42
C ASP B 312 -36.72 -1.59 18.81
N VAL B 313 -36.18 -2.19 17.75
CA VAL B 313 -36.93 -3.23 17.03
C VAL B 313 -37.09 -4.46 17.90
N MET B 314 -36.04 -4.85 18.64
CA MET B 314 -36.18 -6.00 19.54
C MET B 314 -37.24 -5.81 20.61
N PRO B 315 -37.20 -4.77 21.43
CA PRO B 315 -38.26 -4.65 22.46
C PRO B 315 -39.64 -4.51 21.84
N THR B 316 -39.77 -3.86 20.68
CA THR B 316 -41.08 -3.73 20.06
C THR B 316 -41.59 -5.09 19.63
N THR B 317 -40.69 -5.95 19.12
CA THR B 317 -41.05 -7.31 18.71
C THR B 317 -41.48 -8.13 19.93
N LEU B 318 -40.68 -8.10 21.01
CA LEU B 318 -41.08 -8.77 22.24
C LEU B 318 -42.48 -8.34 22.67
N ASP B 319 -42.73 -7.03 22.66
CA ASP B 319 -44.04 -6.55 23.08
C ASP B 319 -45.14 -7.06 22.16
N LEU B 320 -44.89 -7.06 20.85
CA LEU B 320 -45.89 -7.57 19.89
C LEU B 320 -46.27 -9.02 20.18
N VAL B 321 -45.32 -9.85 20.60
CA VAL B 321 -45.63 -11.26 20.80
C VAL B 321 -45.92 -11.57 22.26
N GLY B 322 -46.18 -10.53 23.07
CA GLY B 322 -46.72 -10.71 24.40
C GLY B 322 -45.72 -10.83 25.51
N LEU B 323 -44.45 -10.49 25.27
CA LEU B 323 -43.44 -10.64 26.31
C LEU B 323 -43.13 -9.28 26.93
N LYS B 324 -42.81 -9.32 28.21
CA LYS B 324 -42.32 -8.13 28.89
C LYS B 324 -40.87 -7.89 28.51
N VAL B 325 -40.50 -6.63 28.34
CA VAL B 325 -39.12 -6.28 28.04
C VAL B 325 -38.36 -6.10 29.35
N PRO B 326 -37.23 -6.76 29.57
CA PRO B 326 -36.47 -6.52 30.82
C PRO B 326 -36.06 -5.07 30.96
N ASP B 327 -35.87 -4.64 32.21
CA ASP B 327 -35.46 -3.26 32.46
C ASP B 327 -34.10 -2.92 31.85
N TYR B 328 -33.20 -3.90 31.73
CA TYR B 328 -31.85 -3.60 31.23
C TYR B 328 -31.87 -3.14 29.76
N VAL B 329 -32.87 -3.54 29.00
CA VAL B 329 -32.83 -3.28 27.55
C VAL B 329 -32.83 -1.78 27.30
N GLU B 330 -31.89 -1.30 26.46
CA GLU B 330 -31.80 0.13 26.15
C GLU B 330 -32.81 0.59 25.09
N GLY B 331 -33.22 -0.30 24.19
CA GLY B 331 -34.20 0.08 23.19
C GLY B 331 -35.57 0.35 23.79
N HIS B 332 -36.36 1.16 23.07
CA HIS B 332 -37.72 1.55 23.43
C HIS B 332 -38.73 0.74 22.62
N ILE B 333 -39.92 0.50 23.21
CA ILE B 333 -41.07 0.01 22.44
C ILE B 333 -41.63 1.19 21.64
N PHE B 334 -41.76 1.05 20.31
CA PHE B 334 -42.17 2.22 19.52
C PHE B 334 -43.57 2.08 18.90
N LEU B 335 -44.25 0.98 19.15
CA LEU B 335 -45.54 0.71 18.58
C LEU B 335 -46.47 0.18 19.65
N GLY B 336 -47.70 0.69 19.68
CA GLY B 336 -48.77 0.15 20.52
C GLY B 336 -48.90 0.89 21.85
N LYS B 337 -49.82 0.38 22.68
CA LYS B 337 -50.13 1.12 23.91
C LYS B 337 -48.92 1.27 24.81
N ASN B 338 -47.97 0.34 24.74
CA ASN B 338 -46.83 0.39 25.64
C ASN B 338 -45.67 1.21 25.07
N LYS B 339 -45.89 1.95 24.00
CA LYS B 339 -44.75 2.65 23.41
C LYS B 339 -44.19 3.72 24.36
N GLN B 340 -42.88 3.96 24.24
CA GLN B 340 -42.17 4.91 25.10
C GLN B 340 -41.43 5.85 24.16
N LYS B 341 -41.85 7.10 24.14
CA LYS B 341 -41.27 8.05 23.20
C LYS B 341 -39.80 8.28 23.53
N ARG B 342 -38.98 8.55 22.50
CA ARG B 342 -37.59 8.94 22.67
C ARG B 342 -37.44 10.46 22.62
N ASP B 343 -36.53 10.97 23.45
CA ASP B 343 -36.02 12.33 23.28
C ASP B 343 -34.83 12.38 22.33
N TYR B 344 -34.04 11.31 22.32
CA TYR B 344 -32.81 11.26 21.53
C TYR B 344 -32.60 9.87 20.94
N ILE B 345 -31.80 9.83 19.87
CA ILE B 345 -31.10 8.60 19.47
C ILE B 345 -29.59 8.87 19.56
N TYR B 346 -28.82 7.78 19.57
CA TYR B 346 -27.38 7.82 19.82
C TYR B 346 -26.68 6.91 18.82
N ALA B 347 -25.43 7.22 18.53
CA ALA B 347 -24.71 6.32 17.64
C ALA B 347 -23.23 6.47 17.93
N HIS B 348 -22.46 5.50 17.43
CA HIS B 348 -21.02 5.49 17.69
C HIS B 348 -20.27 5.04 16.45
N LYS B 349 -19.00 5.40 16.46
CA LYS B 349 -17.99 4.96 15.50
C LYS B 349 -16.71 4.71 16.30
N ASP B 350 -16.19 3.49 16.23
CA ASP B 350 -14.99 3.11 16.95
C ASP B 350 -14.06 2.58 15.87
N ARG B 351 -13.25 1.55 16.11
CA ARG B 351 -12.46 1.05 14.98
C ARG B 351 -13.38 0.52 13.88
N THR B 352 -13.02 0.84 12.63
CA THR B 352 -13.71 0.33 11.43
C THR B 352 -12.63 -0.24 10.50
N ASP B 353 -12.57 -1.56 10.46
CA ASP B 353 -11.62 -2.46 9.81
C ASP B 353 -10.19 -2.33 10.32
N GLU B 354 -9.46 -1.32 9.88
CA GLU B 354 -8.11 -1.10 10.35
C GLU B 354 -8.02 0.32 10.82
N THR B 355 -9.08 1.09 10.59
CA THR B 355 -9.04 2.54 10.79
C THR B 355 -9.51 2.81 12.21
N ASP B 356 -8.63 3.33 13.06
CA ASP B 356 -9.03 3.60 14.43
C ASP B 356 -9.73 4.95 14.51
N ASP B 357 -10.77 5.04 15.32
CA ASP B 357 -11.45 6.30 15.50
C ASP B 357 -12.26 6.17 16.77
N ARG B 358 -12.82 7.31 17.18
CA ARG B 358 -13.66 7.38 18.36
C ARG B 358 -14.59 8.61 18.19
N VAL B 359 -15.84 8.34 17.78
CA VAL B 359 -16.84 9.36 17.46
C VAL B 359 -18.16 8.95 18.11
N ARG B 360 -18.90 9.93 18.60
CA ARG B 360 -20.20 9.66 19.19
C ARG B 360 -21.19 10.67 18.65
N ALA B 361 -22.45 10.29 18.60
CA ALA B 361 -23.47 11.20 18.11
C ALA B 361 -24.69 11.11 18.99
N VAL B 362 -25.36 12.26 19.14
CA VAL B 362 -26.66 12.38 19.79
C VAL B 362 -27.55 13.14 18.80
N ARG B 363 -28.77 12.65 18.59
CA ARG B 363 -29.66 13.35 17.66
C ARG B 363 -31.03 13.45 18.29
N ASN B 364 -31.64 14.62 18.28
CA ASN B 364 -33.07 14.70 18.57
C ASN B 364 -33.77 14.92 17.23
N LEU B 365 -35.06 15.29 17.24
CA LEU B 365 -35.74 15.41 15.95
C LEU B 365 -35.13 16.48 15.05
N ARG B 366 -34.53 17.52 15.63
CA ARG B 366 -34.01 18.64 14.85
C ARG B 366 -32.49 18.71 14.77
N PHE B 367 -31.78 18.48 15.88
CA PHE B 367 -30.34 18.75 15.92
C PHE B 367 -29.53 17.45 15.95
N LYS B 368 -28.43 17.44 15.19
CA LYS B 368 -27.39 16.41 15.28
C LYS B 368 -26.17 16.98 16.01
N TYR B 369 -25.74 16.29 17.06
CA TYR B 369 -24.49 16.59 17.74
C TYR B 369 -23.53 15.44 17.49
N ILE B 370 -22.30 15.76 17.08
CA ILE B 370 -21.25 14.77 16.86
C ILE B 370 -20.00 15.22 17.60
N LYS B 371 -19.39 14.31 18.36
CA LYS B 371 -18.15 14.60 19.07
C LYS B 371 -17.05 13.69 18.54
N ASN B 372 -15.98 14.27 18.03
CA ASN B 372 -14.79 13.55 17.57
C ASN B 372 -13.81 13.53 18.74
N PHE B 373 -13.58 12.36 19.31
CA PHE B 373 -12.69 12.28 20.45
C PHE B 373 -11.23 12.37 20.04
N TYR B 374 -10.92 12.16 18.75
CA TYR B 374 -9.57 12.27 18.19
C TYR B 374 -9.57 13.34 17.11
N PRO B 375 -9.61 14.61 17.49
CA PRO B 375 -9.73 15.69 16.50
C PRO B 375 -8.55 15.78 15.54
N GLU B 376 -7.39 15.29 15.95
CA GLU B 376 -6.23 15.37 15.08
C GLU B 376 -6.31 14.41 13.91
N LYS B 377 -7.20 13.42 13.97
CA LYS B 377 -7.29 12.51 12.82
C LYS B 377 -8.10 13.15 11.70
N PRO B 378 -7.65 13.08 10.44
CA PRO B 378 -8.50 13.52 9.33
C PRO B 378 -9.72 12.61 9.21
N TYR B 379 -10.81 13.15 8.66
CA TYR B 379 -11.91 12.26 8.28
C TYR B 379 -11.43 11.20 7.28
N ASN B 380 -10.65 11.61 6.29
CA ASN B 380 -10.18 10.70 5.24
C ASN B 380 -8.97 9.93 5.68
N ASP B 381 -9.01 9.41 6.91
CA ASP B 381 -7.98 8.52 7.43
C ASP B 381 -8.01 7.21 6.65
N PHE B 382 -6.84 6.64 6.35
CA PHE B 382 -6.79 5.52 5.41
C PHE B 382 -7.71 4.37 5.83
N ASN B 383 -8.55 3.95 4.88
CA ASN B 383 -9.44 2.80 5.06
C ASN B 383 -9.45 2.04 3.75
N ALA B 384 -8.95 0.80 3.76
CA ALA B 384 -8.78 0.05 2.51
C ALA B 384 -10.11 -0.14 1.79
N TYR B 385 -11.17 -0.44 2.55
CA TYR B 385 -12.49 -0.65 1.95
C TYR B 385 -12.94 0.56 1.14
N LYS B 386 -12.88 1.77 1.73
CA LYS B 386 -13.30 2.96 0.98
C LYS B 386 -12.44 3.18 -0.27
N HIS B 387 -11.12 3.03 -0.14
CA HIS B 387 -10.27 3.27 -1.31
C HIS B 387 -10.49 2.21 -2.38
N LEU B 388 -10.72 0.98 -1.97
CA LEU B 388 -10.88 -0.11 -2.91
C LEU B 388 -12.21 -0.04 -3.67
N GLN B 389 -13.30 0.37 -2.99
CA GLN B 389 -14.64 0.17 -3.54
C GLN B 389 -15.38 1.44 -3.96
N TYR B 390 -14.87 2.64 -3.67
CA TYR B 390 -15.64 3.86 -3.84
C TYR B 390 -15.02 4.74 -4.92
N PRO B 391 -15.52 4.72 -6.15
CA PRO B 391 -14.93 5.59 -7.19
C PRO B 391 -14.93 7.07 -6.80
N VAL B 392 -15.95 7.52 -6.07
CA VAL B 392 -16.03 8.94 -5.75
C VAL B 392 -14.91 9.36 -4.80
N LEU B 393 -14.32 8.44 -4.04
CA LEU B 393 -13.18 8.84 -3.21
C LEU B 393 -12.00 9.26 -4.08
N ALA B 394 -11.69 8.47 -5.12
CA ALA B 394 -10.68 8.89 -6.10
C ALA B 394 -11.07 10.19 -6.77
N LEU B 395 -12.34 10.32 -7.18
CA LEU B 395 -12.77 11.56 -7.81
C LEU B 395 -12.54 12.75 -6.90
N MET B 396 -12.99 12.65 -5.65
CA MET B 396 -12.84 13.80 -4.77
C MET B 396 -11.38 14.07 -4.42
N GLU B 397 -10.54 13.03 -4.32
CA GLU B 397 -9.13 13.33 -4.07
C GLU B 397 -8.52 14.02 -5.28
N SER B 398 -8.87 13.59 -6.49
CA SER B 398 -8.37 14.26 -7.70
C SER B 398 -8.83 15.71 -7.74
N MET B 399 -10.11 15.94 -7.49
CA MET B 399 -10.65 17.30 -7.55
C MET B 399 -10.13 18.16 -6.40
N HIS B 400 -9.99 17.59 -5.20
CA HIS B 400 -9.41 18.36 -4.10
C HIS B 400 -8.01 18.87 -4.43
N ALA B 401 -7.17 18.02 -5.03
CA ALA B 401 -5.82 18.47 -5.36
C ALA B 401 -5.83 19.62 -6.35
N LYS B 402 -6.86 19.69 -7.19
CA LYS B 402 -6.99 20.72 -8.22
C LYS B 402 -7.81 21.90 -7.75
N LYS B 403 -8.24 21.89 -6.48
CA LYS B 403 -9.06 22.94 -5.88
C LYS B 403 -10.41 23.07 -6.57
N LEU B 404 -10.97 21.94 -7.00
CA LEU B 404 -12.26 21.97 -7.69
C LEU B 404 -13.43 21.53 -6.81
N LEU B 405 -13.21 21.14 -5.56
CA LEU B 405 -14.35 20.80 -4.71
C LEU B 405 -15.04 22.06 -4.23
N THR B 406 -16.37 21.98 -4.01
CA THR B 406 -17.06 23.07 -3.37
C THR B 406 -16.67 23.14 -1.89
N HIS B 407 -16.99 24.27 -1.27
CA HIS B 407 -16.74 24.43 0.15
C HIS B 407 -17.31 23.25 0.95
N GLU B 408 -18.55 22.89 0.66
CA GLU B 408 -19.22 21.83 1.42
C GLU B 408 -18.58 20.47 1.15
N GLN B 409 -18.16 20.23 -0.10
CA GLN B 409 -17.54 18.95 -0.43
C GLN B 409 -16.15 18.82 0.18
N ALA B 410 -15.44 19.93 0.34
CA ALA B 410 -14.07 19.90 0.82
C ALA B 410 -13.98 19.70 2.33
N LEU B 411 -15.08 19.85 3.07
CA LEU B 411 -15.01 19.73 4.53
C LEU B 411 -14.46 18.36 4.93
N PHE B 412 -14.87 17.30 4.21
CA PHE B 412 -14.42 15.94 4.53
C PHE B 412 -12.92 15.80 4.33
N PHE B 413 -12.31 16.65 3.52
CA PHE B 413 -10.90 16.50 3.16
C PHE B 413 -9.99 17.45 3.94
N ALA B 414 -10.46 18.00 5.03
CA ALA B 414 -9.60 18.77 5.93
C ALA B 414 -8.56 17.87 6.60
N PRO B 415 -7.42 18.42 7.02
CA PRO B 415 -6.42 17.58 7.68
C PRO B 415 -6.81 17.17 9.10
N ASN B 416 -7.78 17.84 9.72
CA ASN B 416 -8.19 17.50 11.08
C ASN B 416 -9.65 17.85 11.21
N ARG B 417 -10.21 17.61 12.39
CA ARG B 417 -11.65 17.78 12.62
C ARG B 417 -11.91 18.74 13.77
N PRO B 418 -13.03 19.45 13.76
CA PRO B 418 -13.47 20.10 15.00
C PRO B 418 -13.83 19.03 16.02
N GLN B 419 -13.55 19.30 17.29
CA GLN B 419 -13.94 18.31 18.29
C GLN B 419 -15.45 18.08 18.33
N GLU B 420 -16.26 19.12 18.10
CA GLU B 420 -17.72 18.97 18.10
C GLU B 420 -18.34 19.51 16.81
N GLU B 421 -19.39 18.84 16.36
CA GLU B 421 -20.16 19.28 15.20
C GLU B 421 -21.60 19.36 15.64
N LEU B 422 -22.30 20.41 15.21
CA LEU B 422 -23.71 20.60 15.53
C LEU B 422 -24.43 21.05 14.27
N TYR B 423 -25.48 20.31 13.86
CA TYR B 423 -26.22 20.62 12.65
C TYR B 423 -27.70 20.81 12.99
N ASP B 424 -28.27 21.86 12.42
CA ASP B 424 -29.72 22.08 12.45
C ASP B 424 -30.30 21.37 11.22
N THR B 425 -30.77 20.13 11.40
CA THR B 425 -31.11 19.35 10.21
C THR B 425 -32.38 19.86 9.52
N PHE B 426 -33.18 20.68 10.20
CA PHE B 426 -34.33 21.28 9.53
C PHE B 426 -33.89 22.25 8.45
N ASN B 427 -32.85 23.03 8.74
CA ASN B 427 -32.38 24.06 7.81
C ASN B 427 -31.19 23.60 7.01
N ASP B 428 -30.61 22.45 7.36
CA ASP B 428 -29.38 21.97 6.76
C ASP B 428 -29.45 20.45 6.72
N PRO B 429 -30.36 19.89 5.90
CA PRO B 429 -30.52 18.43 5.88
C PRO B 429 -29.25 17.69 5.47
N ASP B 430 -28.36 18.28 4.66
CA ASP B 430 -27.15 17.55 4.27
C ASP B 430 -26.03 17.64 5.31
N GLU B 431 -26.27 18.34 6.43
CA GLU B 431 -25.32 18.49 7.53
C GLU B 431 -23.95 18.95 7.04
N VAL B 432 -23.93 20.11 6.38
CA VAL B 432 -22.67 20.69 5.93
C VAL B 432 -22.38 22.05 6.55
N ASN B 433 -23.25 22.57 7.41
CA ASN B 433 -23.00 23.87 8.04
C ASN B 433 -22.85 23.71 9.56
N ASN B 434 -21.64 23.44 10.01
CA ASN B 434 -21.40 23.14 11.42
C ASN B 434 -21.69 24.39 12.26
N LEU B 435 -22.60 24.27 13.22
CA LEU B 435 -22.98 25.40 14.07
C LEU B 435 -22.26 25.44 15.40
N ALA B 436 -21.33 24.52 15.64
CA ALA B 436 -20.75 24.37 16.98
C ALA B 436 -19.97 25.60 17.44
N LEU B 437 -19.46 26.41 16.52
CA LEU B 437 -18.69 27.59 16.90
C LEU B 437 -19.52 28.86 16.90
N ASN B 438 -20.80 28.73 16.64
CA ASN B 438 -21.73 29.86 16.56
C ASN B 438 -22.39 30.00 17.92
N LYS B 439 -22.11 31.11 18.60
CA LYS B 439 -22.52 31.23 19.99
C LYS B 439 -24.03 31.27 20.15
N ASN B 440 -24.74 31.59 19.08
CA ASN B 440 -26.21 31.56 19.07
C ASN B 440 -26.74 30.15 19.25
N TYR B 441 -25.93 29.13 18.99
CA TYR B 441 -26.35 27.76 19.20
C TYR B 441 -25.63 27.12 20.38
N GLU B 442 -24.97 27.91 21.24
CA GLU B 442 -24.18 27.30 22.30
C GLU B 442 -25.06 26.59 23.33
N GLU B 443 -26.22 27.16 23.66
CA GLU B 443 -27.06 26.49 24.63
C GLU B 443 -27.49 25.12 24.12
N GLN B 444 -27.80 25.02 22.82
CA GLN B 444 -28.14 23.71 22.25
C GLN B 444 -26.92 22.79 22.23
N LEU B 445 -25.76 23.32 21.90
CA LEU B 445 -24.53 22.54 21.90
C LEU B 445 -24.26 21.96 23.29
N LEU B 446 -24.35 22.80 24.34
CA LEU B 446 -24.06 22.31 25.70
C LEU B 446 -25.08 21.29 26.18
N THR B 447 -26.34 21.48 25.82
CA THR B 447 -27.38 20.50 26.16
C THR B 447 -27.00 19.12 25.65
N MET B 448 -26.59 19.06 24.37
CA MET B 448 -26.30 17.79 23.71
C MET B 448 -24.97 17.21 24.16
N ARG B 449 -23.98 18.08 24.33
CA ARG B 449 -22.73 17.63 24.96
C ARG B 449 -23.00 16.99 26.30
N LYS B 450 -23.84 17.65 27.14
CA LYS B 450 -24.16 17.11 28.45
C LYS B 450 -24.93 15.80 28.34
N GLU B 451 -25.85 15.70 27.38
CA GLU B 451 -26.57 14.43 27.20
C GLU B 451 -25.63 13.30 26.79
N LEU B 452 -24.68 13.57 25.89
CA LEU B 452 -23.70 12.53 25.54
C LEU B 452 -22.92 12.07 26.77
N GLN B 453 -22.47 13.01 27.60
CA GLN B 453 -21.75 12.60 28.80
C GLN B 453 -22.63 11.78 29.73
N ARG B 454 -23.88 12.20 29.90
CA ARG B 454 -24.80 11.42 30.74
C ARG B 454 -25.00 10.02 30.19
N TRP B 455 -25.16 9.91 28.87
CA TRP B 455 -25.41 8.61 28.26
C TRP B 455 -24.19 7.71 28.37
N GLN B 456 -22.99 8.26 28.16
CA GLN B 456 -21.79 7.43 28.23
C GLN B 456 -21.62 6.83 29.63
N LYS B 457 -21.88 7.63 30.66
CA LYS B 457 -21.78 7.15 32.03
C LYS B 457 -22.84 6.12 32.34
N ALA B 458 -24.09 6.37 31.92
CA ALA B 458 -25.16 5.43 32.24
C ALA B 458 -24.96 4.09 31.55
N THR B 459 -24.43 4.08 30.31
CA THR B 459 -24.27 2.83 29.58
C THR B 459 -22.89 2.24 29.76
N ASN B 460 -21.99 2.93 30.49
CA ASN B 460 -20.61 2.49 30.69
C ASN B 460 -19.98 2.15 29.34
N ASP B 461 -20.00 3.14 28.44
CA ASP B 461 -19.55 3.04 27.05
C ASP B 461 -18.18 2.36 27.00
N GLN B 462 -18.14 1.13 26.47
CA GLN B 462 -16.90 0.36 26.43
C GLN B 462 -15.94 0.85 25.36
N GLY B 463 -16.44 1.63 24.39
CA GLY B 463 -15.56 2.22 23.38
C GLY B 463 -14.59 3.25 23.94
N MET B 464 -14.71 3.58 25.22
CA MET B 464 -13.76 4.48 25.86
C MET B 464 -12.52 3.73 26.37
N ILE B 465 -12.49 2.42 26.20
CA ILE B 465 -11.36 1.59 26.61
C ILE B 465 -10.62 1.15 25.35
N ASP B 466 -9.32 1.47 25.28
CA ASP B 466 -8.52 1.14 24.10
C ASP B 466 -8.47 -0.37 23.87
N GLU B 467 -8.44 -0.78 22.60
CA GLU B 467 -8.15 -2.17 22.29
C GLU B 467 -6.67 -2.46 22.50
N THR B 468 -6.33 -3.74 22.63
CA THR B 468 -4.94 -4.11 22.84
C THR B 468 -4.10 -3.85 21.58
N PRO B 469 -2.81 -3.61 21.75
CA PRO B 469 -1.90 -3.57 20.59
C PRO B 469 -2.02 -4.82 19.70
N GLU B 470 -2.06 -6.03 20.29
CA GLU B 470 -2.14 -7.24 19.48
C GLU B 470 -3.34 -7.21 18.53
N VAL B 471 -4.49 -6.74 19.01
CA VAL B 471 -5.70 -6.70 18.18
C VAL B 471 -5.56 -5.65 17.07
N LYS B 472 -5.11 -4.44 17.41
CA LYS B 472 -5.02 -3.40 16.38
C LYS B 472 -3.99 -3.79 15.33
N GLU B 473 -2.88 -4.37 15.76
CA GLU B 473 -1.87 -4.78 14.79
C GLU B 473 -2.36 -5.94 13.93
N TYR B 474 -3.13 -6.85 14.51
CA TYR B 474 -3.70 -7.94 13.73
C TYR B 474 -4.52 -7.41 12.56
N TRP B 475 -5.42 -6.46 12.83
CA TRP B 475 -6.27 -5.93 11.77
C TRP B 475 -5.51 -5.02 10.82
N ASP B 476 -4.52 -4.28 11.31
CA ASP B 476 -3.57 -3.64 10.39
C ASP B 476 -2.97 -4.66 9.42
N ASP B 477 -2.49 -5.78 9.95
CA ASP B 477 -1.95 -6.82 9.08
C ASP B 477 -3.03 -7.39 8.17
N PHE B 478 -4.21 -7.63 8.71
CA PHE B 478 -5.26 -8.24 7.92
C PHE B 478 -5.61 -7.36 6.72
N PHE B 479 -5.77 -6.06 6.93
CA PHE B 479 -6.22 -5.22 5.83
C PHE B 479 -5.10 -4.74 4.93
N LYS B 480 -3.83 -4.91 5.33
CA LYS B 480 -2.73 -4.75 4.37
C LYS B 480 -2.71 -5.92 3.38
N LYS B 481 -2.83 -7.14 3.91
CA LYS B 481 -2.94 -8.33 3.05
C LYS B 481 -4.19 -8.27 2.17
N HIS B 482 -5.30 -7.77 2.69
CA HIS B 482 -6.50 -7.67 1.86
C HIS B 482 -6.33 -6.59 0.79
N TYR B 483 -5.81 -5.43 1.21
CA TYR B 483 -5.66 -4.34 0.26
C TYR B 483 -4.81 -4.78 -0.92
N LEU B 484 -3.66 -5.41 -0.62
CA LEU B 484 -2.73 -5.72 -1.68
C LEU B 484 -3.26 -6.84 -2.54
N THR B 485 -3.93 -7.85 -1.94
CA THR B 485 -4.57 -8.87 -2.76
C THR B 485 -5.55 -8.25 -3.74
N GLN B 486 -6.36 -7.29 -3.29
CA GLN B 486 -7.39 -6.70 -4.15
C GLN B 486 -6.78 -5.77 -5.19
N MET B 487 -5.77 -4.98 -4.81
CA MET B 487 -5.14 -4.09 -5.77
C MET B 487 -4.39 -4.89 -6.84
N ARG B 488 -3.91 -6.09 -6.47
CA ARG B 488 -3.22 -6.98 -7.38
C ARG B 488 -4.18 -7.56 -8.41
N LEU B 489 -5.38 -7.94 -7.98
CA LEU B 489 -6.36 -8.48 -8.91
C LEU B 489 -6.75 -7.46 -9.99
N ARG B 490 -6.49 -6.16 -9.74
CA ARG B 490 -6.76 -5.08 -10.69
C ARG B 490 -5.52 -4.63 -11.46
N GLY B 491 -4.36 -5.18 -11.13
CA GLY B 491 -3.11 -4.73 -11.74
C GLY B 491 -2.79 -3.29 -11.48
N LEU B 492 -3.15 -2.77 -10.30
CA LEU B 492 -2.86 -1.38 -9.99
C LEU B 492 -1.82 -1.29 -8.89
N SER B 493 -1.08 -0.21 -8.91
CA SER B 493 -0.11 0.07 -7.87
C SER B 493 -0.81 0.40 -6.55
N PRO B 494 -0.26 0.00 -5.40
CA PRO B 494 -0.87 0.42 -4.11
C PRO B 494 -0.84 1.92 -3.90
N LYS B 495 0.03 2.62 -4.63
CA LYS B 495 0.25 4.05 -4.53
C LYS B 495 -0.35 4.81 -5.73
N ILE B 496 -1.29 4.21 -6.44
CA ILE B 496 -1.81 4.83 -7.66
C ILE B 496 -2.34 6.24 -7.36
N THR B 497 -2.05 7.18 -8.26
CA THR B 497 -2.54 8.55 -8.13
C THR B 497 -4.06 8.59 -8.33
N PRO B 498 -4.73 9.60 -7.76
CA PRO B 498 -6.18 9.68 -7.97
C PRO B 498 -6.55 9.73 -9.44
N ASP B 499 -5.80 10.49 -10.25
CA ASP B 499 -6.19 10.61 -11.65
C ASP B 499 -6.02 9.30 -12.42
N ASP B 500 -4.94 8.55 -12.12
CA ASP B 500 -4.80 7.24 -12.77
C ASP B 500 -5.88 6.28 -12.27
N TYR B 501 -6.19 6.32 -10.97
CA TYR B 501 -7.27 5.50 -10.42
C TYR B 501 -8.60 5.80 -11.12
N LEU B 502 -8.84 7.07 -11.47
CA LEU B 502 -10.09 7.41 -12.14
C LEU B 502 -10.18 6.74 -13.51
N ILE B 503 -9.04 6.54 -14.19
CA ILE B 503 -9.06 5.81 -15.47
C ILE B 503 -9.62 4.41 -15.24
N PHE B 504 -9.12 3.74 -14.21
CA PHE B 504 -9.63 2.45 -13.78
C PHE B 504 -11.12 2.54 -13.44
N TRP B 505 -11.52 3.56 -12.69
CA TRP B 505 -12.93 3.56 -12.22
C TRP B 505 -13.89 3.78 -13.38
N ASP B 506 -13.48 4.61 -14.34
CA ASP B 506 -14.35 4.78 -15.51
C ASP B 506 -14.54 3.45 -16.25
N LYS B 507 -13.48 2.66 -16.40
CA LYS B 507 -13.62 1.36 -17.05
C LYS B 507 -14.46 0.40 -16.20
N PHE B 508 -14.27 0.45 -14.88
CA PHE B 508 -15.01 -0.42 -13.98
C PHE B 508 -16.51 -0.13 -14.07
N LEU B 509 -16.88 1.16 -14.03
CA LEU B 509 -18.28 1.55 -14.12
C LEU B 509 -18.86 1.15 -15.48
N THR B 510 -18.08 1.33 -16.55
CA THR B 510 -18.55 0.92 -17.88
C THR B 510 -18.85 -0.57 -17.91
N GLU B 511 -18.01 -1.35 -17.23
CA GLU B 511 -18.21 -2.80 -17.21
C GLU B 511 -19.40 -3.19 -16.36
N GLN B 512 -19.64 -2.50 -15.25
CA GLN B 512 -20.89 -2.68 -14.50
C GLN B 512 -22.10 -2.37 -15.36
N GLY B 513 -21.96 -1.48 -16.34
CA GLY B 513 -23.10 -1.09 -17.15
C GLY B 513 -23.62 0.32 -16.95
N LYS B 514 -22.73 1.32 -16.79
CA LYS B 514 -23.22 2.71 -16.71
C LYS B 514 -22.17 3.74 -17.18
#